data_5DW6
#
_entry.id   5DW6
#
_cell.length_a   67.425
_cell.length_b   110.455
_cell.length_c   120.003
_cell.angle_alpha   90.00
_cell.angle_beta   90.00
_cell.angle_gamma   90.00
#
_symmetry.space_group_name_H-M   'P 21 21 21'
#
loop_
_entity.id
_entity.type
_entity.pdbx_description
1 polymer 'Succinyl-CoA:acetate CoA-transferase'
2 non-polymer 'ACETATE ION'
3 non-polymer '[[(2R,3S,4R,5R)-5-(6-aminopurin-9-yl)-4-oxidanyl-3-phosphonooxy-oxolan-2-yl]methoxy-oxidanyl-phosphoryl] [(3R)-2,2-dimethyl-3-oxidanyl-4-oxidanylidene-4-[[3-oxidanylidene-3-(propylamino)propyl]amino]butyl] hydrogen phosphate'
4 non-polymer IMIDAZOLE
5 water water
#
_entity_poly.entity_id   1
_entity_poly.type   'polypeptide(L)'
_entity_poly.pdbx_seq_one_letter_code
;MTERIRNVALRSKVCPAETASELIKHGDVVGTSGFTGAGYPKEVPKALAQRMEAAHDRGEKYQISLITGASTGPQLDGEL
AKANGVYFRSPFNTDATMRNRINAGETEYFDNHLGQVAGRAVQGNYGKFNIALVEATAITEDGGIVPTSSVGNSQTFLNL
AEKVIIEVNEWQNPMLEGIHDIWDGNVSGVPTRDIVPIVRADQRVGGPVLRVNPDKIAAIVRTNDRDRNAPFAAPDETAK
AIAGYLLDFFGHEVKQNRLPPSLLPLQSGVGNVANAVLEGLKEGPFENLVGYSEVIQDGMLAMLDSGRMRIASASSFSLS
PEAAEEINNRMDFFRSKIILRQQDVSNSPGIIRRLGCIAMNGMIEADIYGNVNSTRVMGSKMMNGIGGSGDFARSSYLSI
FLSPSTAKGGKISAIVPMAAHVDHIMQDAQIFVTEQGLADLRGLSPVQRAREIISKCAHPDYRPMLQDYFDRALKNSFGK
HTPHLLTEALSWHQRFIDTGTMLPSSLEHHHHHH
;
_entity_poly.pdbx_strand_id   A,B
#
loop_
_chem_comp.id
_chem_comp.type
_chem_comp.name
_chem_comp.formula
0T1 non-polymer '[[(2R,3S,4R,5R)-5-(6-aminopurin-9-yl)-4-oxidanyl-3-phosphonooxy-oxolan-2-yl]methoxy-oxidanyl-phosphoryl] [(3R)-2,2-dimethyl-3-oxidanyl-4-oxidanylidene-4-[[3-oxidanylidene-3-(propylamino)propyl]amino]butyl] hydrogen phosphate' 'C22 H38 N7 O16 P3'
ACT non-polymer 'ACETATE ION' 'C2 H3 O2 -1'
IMD non-polymer IMIDAZOLE 'C3 H5 N2 1'
#
# COMPACT_ATOMS: atom_id res chain seq x y z
N GLU A 3 -36.66 22.05 -17.80
CA GLU A 3 -36.94 21.32 -16.58
C GLU A 3 -35.87 20.26 -16.30
N ARG A 4 -35.28 20.32 -15.11
CA ARG A 4 -34.23 19.39 -14.72
C ARG A 4 -34.76 18.06 -14.19
N ILE A 5 -35.99 18.04 -13.68
CA ILE A 5 -36.56 16.79 -13.18
C ILE A 5 -37.48 16.20 -14.24
N ARG A 6 -36.96 15.26 -15.03
CA ARG A 6 -37.72 14.79 -16.19
C ARG A 6 -38.60 13.58 -15.86
N ASN A 7 -38.49 13.06 -14.64
CA ASN A 7 -39.42 12.06 -14.11
C ASN A 7 -40.54 12.76 -13.34
N VAL A 8 -41.74 12.69 -13.90
CA VAL A 8 -42.87 13.44 -13.36
C VAL A 8 -43.20 13.03 -11.94
N ALA A 9 -43.22 11.72 -11.65
CA ALA A 9 -43.59 11.25 -10.31
C ALA A 9 -42.68 11.84 -9.22
N LEU A 10 -41.40 11.92 -9.51
CA LEU A 10 -40.46 12.40 -8.52
C LEU A 10 -40.63 13.90 -8.20
N ARG A 11 -41.32 14.63 -9.07
CA ARG A 11 -41.57 16.04 -8.82
C ARG A 11 -42.38 16.26 -7.55
N SER A 12 -43.19 15.28 -7.18
CA SER A 12 -44.04 15.38 -5.99
CA SER A 12 -44.04 15.39 -6.00
C SER A 12 -43.22 15.31 -4.71
N LYS A 13 -41.93 14.99 -4.83
CA LYS A 13 -41.10 14.90 -3.64
C LYS A 13 -40.28 16.17 -3.43
N VAL A 14 -40.51 17.18 -4.28
CA VAL A 14 -39.81 18.45 -4.12
C VAL A 14 -40.30 19.17 -2.87
N CYS A 15 -39.37 19.68 -2.09
CA CYS A 15 -39.72 20.39 -0.86
C CYS A 15 -38.57 21.32 -0.47
N PRO A 16 -38.83 22.24 0.48
CA PRO A 16 -37.76 23.20 0.83
C PRO A 16 -36.55 22.57 1.56
N ALA A 17 -35.38 23.21 1.45
CA ALA A 17 -34.17 22.70 2.09
C ALA A 17 -34.35 22.49 3.60
N GLU A 18 -35.04 23.43 4.24
CA GLU A 18 -35.22 23.38 5.69
C GLU A 18 -36.00 22.13 6.06
N THR A 19 -37.09 21.88 5.34
CA THR A 19 -37.91 20.69 5.58
C THR A 19 -37.16 19.40 5.31
N ALA A 20 -36.42 19.38 4.21
CA ALA A 20 -35.62 18.21 3.89
C ALA A 20 -34.61 17.94 5.01
N SER A 21 -34.07 19.00 5.60
CA SER A 21 -33.02 18.81 6.61
C SER A 21 -33.58 18.17 7.88
N GLU A 22 -34.88 18.29 8.10
CA GLU A 22 -35.53 17.68 9.25
C GLU A 22 -35.53 16.15 9.19
N LEU A 23 -35.28 15.60 8.01
CA LEU A 23 -35.21 14.15 7.85
C LEU A 23 -33.96 13.59 8.51
N ILE A 24 -32.98 14.47 8.78
CA ILE A 24 -31.70 14.05 9.30
C ILE A 24 -31.72 14.18 10.82
N LYS A 25 -31.49 13.07 11.51
CA LYS A 25 -31.66 13.03 12.96
C LYS A 25 -30.33 12.94 13.69
N HIS A 26 -30.35 13.36 14.95
CA HIS A 26 -29.18 13.21 15.81
C HIS A 26 -28.69 11.75 15.78
N GLY A 27 -27.40 11.57 15.55
CA GLY A 27 -26.81 10.24 15.53
C GLY A 27 -26.74 9.60 14.15
N ASP A 28 -27.42 10.20 13.18
CA ASP A 28 -27.47 9.61 11.83
C ASP A 28 -26.11 9.50 11.17
N VAL A 29 -25.91 8.44 10.39
CA VAL A 29 -24.79 8.32 9.46
C VAL A 29 -25.26 8.82 8.10
N VAL A 30 -24.59 9.86 7.60
CA VAL A 30 -24.99 10.55 6.37
C VAL A 30 -23.87 10.41 5.35
N GLY A 31 -24.20 9.84 4.20
CA GLY A 31 -23.24 9.78 3.10
C GLY A 31 -23.58 10.86 2.09
N THR A 32 -22.59 11.65 1.66
CA THR A 32 -22.87 12.74 0.72
C THR A 32 -22.02 12.67 -0.53
N SER A 33 -22.52 13.25 -1.61
CA SER A 33 -21.64 13.57 -2.73
C SER A 33 -20.63 14.63 -2.31
N GLY A 34 -19.59 14.79 -3.12
CA GLY A 34 -18.56 15.80 -2.90
C GLY A 34 -17.18 15.21 -2.96
N PHE A 35 -16.34 15.82 -3.79
CA PHE A 35 -14.98 15.35 -4.02
C PHE A 35 -14.18 16.54 -4.56
N THR A 36 -12.99 16.79 -4.01
CA THR A 36 -12.17 17.99 -4.31
C THR A 36 -12.96 19.28 -4.52
N GLY A 37 -13.85 19.57 -3.57
CA GLY A 37 -14.57 20.82 -3.61
C GLY A 37 -15.62 20.91 -4.67
N ALA A 38 -16.05 19.76 -5.19
CA ALA A 38 -16.96 19.75 -6.33
C ALA A 38 -18.12 18.78 -6.11
N GLY A 39 -19.34 19.26 -6.33
CA GLY A 39 -20.48 18.36 -6.42
C GLY A 39 -21.06 17.94 -5.09
N TYR A 40 -20.72 18.64 -4.02
CA TYR A 40 -21.28 18.35 -2.69
C TYR A 40 -22.60 19.07 -2.52
N PRO A 41 -23.49 18.54 -1.66
CA PRO A 41 -24.75 19.25 -1.39
C PRO A 41 -24.49 20.54 -0.60
N LYS A 42 -25.35 21.52 -0.79
CA LYS A 42 -25.08 22.86 -0.28
C LYS A 42 -26.22 23.44 0.58
N GLU A 43 -27.45 23.38 0.09
CA GLU A 43 -28.51 24.05 0.81
C GLU A 43 -29.01 23.26 2.01
N VAL A 44 -29.10 21.94 1.88
CA VAL A 44 -29.59 21.15 3.01
C VAL A 44 -28.58 21.18 4.19
N PRO A 45 -27.25 21.04 3.93
CA PRO A 45 -26.30 21.16 5.07
C PRO A 45 -26.36 22.51 5.78
N LYS A 46 -26.55 23.59 5.01
CA LYS A 46 -26.70 24.91 5.61
C LYS A 46 -27.93 24.98 6.55
N ALA A 47 -29.05 24.44 6.09
CA ALA A 47 -30.26 24.41 6.89
C ALA A 47 -30.08 23.51 8.12
N LEU A 48 -29.40 22.38 7.93
CA LEU A 48 -29.14 21.46 9.03
C LEU A 48 -28.29 22.13 10.10
N ALA A 49 -27.24 22.83 9.65
CA ALA A 49 -26.36 23.52 10.60
C ALA A 49 -27.12 24.51 11.47
N GLN A 50 -28.08 25.22 10.87
CA GLN A 50 -28.84 26.21 11.61
C GLN A 50 -29.63 25.54 12.71
N ARG A 51 -30.27 24.43 12.35
CA ARG A 51 -31.10 23.71 13.29
C ARG A 51 -30.23 23.05 14.37
N MET A 52 -29.04 22.57 13.98
CA MET A 52 -28.09 22.05 14.96
C MET A 52 -27.72 23.08 16.01
N GLU A 53 -27.33 24.28 15.57
CA GLU A 53 -26.95 25.35 16.49
C GLU A 53 -28.09 25.68 17.44
N ALA A 54 -29.30 25.74 16.89
CA ALA A 54 -30.48 26.06 17.69
C ALA A 54 -30.73 25.01 18.78
N ALA A 55 -30.56 23.74 18.43
CA ALA A 55 -30.68 22.66 19.41
C ALA A 55 -29.63 22.80 20.49
N HIS A 56 -28.37 22.94 20.08
CA HIS A 56 -27.27 23.07 21.03
C HIS A 56 -27.49 24.19 22.02
N ASP A 57 -28.01 25.31 21.55
CA ASP A 57 -28.26 26.46 22.43
C ASP A 57 -29.28 26.13 23.52
N ARG A 58 -30.14 25.14 23.27
CA ARG A 58 -31.12 24.69 24.24
C ARG A 58 -30.69 23.45 25.01
N GLY A 59 -29.43 23.07 24.87
CA GLY A 59 -28.91 21.92 25.60
C GLY A 59 -29.31 20.61 24.99
N GLU A 60 -29.67 20.62 23.71
CA GLU A 60 -30.08 19.43 23.01
C GLU A 60 -28.95 18.96 22.09
N LYS A 61 -28.57 17.68 22.18
CA LYS A 61 -27.53 17.13 21.31
C LYS A 61 -28.02 16.99 19.88
N TYR A 62 -27.14 17.29 18.92
CA TYR A 62 -27.48 17.16 17.51
C TYR A 62 -26.22 17.11 16.68
N GLN A 63 -25.77 15.89 16.42
CA GLN A 63 -24.60 15.67 15.60
C GLN A 63 -24.82 14.48 14.68
N ILE A 64 -24.10 14.49 13.57
CA ILE A 64 -24.10 13.38 12.62
C ILE A 64 -22.71 12.82 12.40
N SER A 65 -22.70 11.65 11.78
CA SER A 65 -21.49 11.09 11.17
C SER A 65 -21.55 11.42 9.69
N LEU A 66 -20.51 12.05 9.20
CA LEU A 66 -20.46 12.53 7.82
C LEU A 66 -19.41 11.78 7.02
N ILE A 67 -19.88 10.99 6.06
CA ILE A 67 -19.01 10.22 5.18
C ILE A 67 -19.19 10.79 3.76
N THR A 68 -18.09 11.11 3.09
CA THR A 68 -18.17 11.79 1.80
C THR A 68 -17.43 11.00 0.73
N GLY A 69 -17.30 11.61 -0.45
CA GLY A 69 -16.38 11.12 -1.47
C GLY A 69 -14.98 11.52 -1.03
N ALA A 70 -14.74 12.83 -1.01
CA ALA A 70 -13.52 13.37 -0.41
C ALA A 70 -13.84 14.75 0.14
N SER A 71 -13.06 15.79 -0.20
CA SER A 71 -13.31 17.10 0.39
C SER A 71 -14.56 17.76 -0.18
N THR A 72 -15.18 18.62 0.62
CA THR A 72 -16.40 19.29 0.20
C THR A 72 -16.16 20.79 0.09
N GLY A 73 -16.83 21.60 0.89
CA GLY A 73 -16.66 23.04 0.76
C GLY A 73 -17.30 23.75 1.93
N PRO A 74 -17.31 25.08 1.90
CA PRO A 74 -17.81 25.86 3.04
C PRO A 74 -19.26 25.55 3.38
N GLN A 75 -20.09 25.26 2.38
CA GLN A 75 -21.51 25.04 2.63
C GLN A 75 -21.78 23.76 3.38
N LEU A 76 -20.83 22.82 3.35
CA LEU A 76 -21.04 21.52 3.98
C LEU A 76 -20.08 21.35 5.16
N ASP A 77 -18.80 21.04 4.90
CA ASP A 77 -17.88 20.88 6.02
C ASP A 77 -17.81 22.15 6.87
N GLY A 78 -17.78 23.30 6.20
CA GLY A 78 -17.64 24.56 6.90
C GLY A 78 -18.83 24.83 7.81
N GLU A 79 -20.05 24.79 7.27
CA GLU A 79 -21.22 25.12 8.07
CA GLU A 79 -21.24 25.10 8.05
C GLU A 79 -21.43 24.13 9.20
N LEU A 80 -21.24 22.84 8.93
CA LEU A 80 -21.47 21.85 9.96
C LEU A 80 -20.39 21.92 11.04
N ALA A 81 -19.14 22.22 10.66
CA ALA A 81 -18.09 22.39 11.67
C ALA A 81 -18.35 23.63 12.52
N LYS A 82 -18.80 24.73 11.90
CA LYS A 82 -19.10 25.92 12.69
C LYS A 82 -20.16 25.63 13.73
N ALA A 83 -21.13 24.79 13.36
CA ALA A 83 -22.21 24.39 14.26
C ALA A 83 -21.82 23.29 15.25
N ASN A 84 -20.60 22.79 15.18
CA ASN A 84 -20.15 21.66 16.00
C ASN A 84 -21.10 20.49 15.83
N GLY A 85 -21.42 20.22 14.57
CA GLY A 85 -22.46 19.23 14.31
C GLY A 85 -22.00 17.88 13.82
N VAL A 86 -20.69 17.60 13.84
CA VAL A 86 -20.19 16.35 13.28
C VAL A 86 -19.39 15.56 14.31
N TYR A 87 -19.85 14.37 14.67
CA TYR A 87 -19.11 13.63 15.70
C TYR A 87 -18.05 12.73 15.08
N PHE A 88 -18.24 12.34 13.82
CA PHE A 88 -17.28 11.50 13.09
C PHE A 88 -17.26 11.96 11.64
N ARG A 89 -16.06 11.99 11.04
CA ARG A 89 -15.88 12.43 9.65
C ARG A 89 -14.94 11.49 8.93
N SER A 90 -15.26 11.13 7.69
CA SER A 90 -14.39 10.29 6.85
C SER A 90 -14.76 10.53 5.39
N PRO A 91 -13.81 10.43 4.45
CA PRO A 91 -12.39 10.05 4.57
C PRO A 91 -11.41 11.18 4.37
N PHE A 92 -11.86 12.38 4.04
CA PHE A 92 -10.93 13.39 3.57
C PHE A 92 -11.58 14.76 3.65
N ASN A 93 -10.89 15.69 4.31
CA ASN A 93 -11.39 17.04 4.55
C ASN A 93 -10.32 18.07 4.21
N THR A 94 -10.72 19.21 3.66
CA THR A 94 -9.80 20.33 3.48
C THR A 94 -10.38 21.64 4.04
N ASP A 95 -11.55 21.58 4.66
CA ASP A 95 -12.12 22.79 5.24
C ASP A 95 -11.41 23.20 6.54
N ALA A 96 -11.10 24.49 6.69
CA ALA A 96 -10.32 24.95 7.82
C ALA A 96 -11.07 24.79 9.14
N THR A 97 -12.37 25.04 9.12
CA THR A 97 -13.12 24.95 10.37
C THR A 97 -13.20 23.49 10.83
N MET A 98 -13.50 22.60 9.89
CA MET A 98 -13.53 21.17 10.19
C MET A 98 -12.16 20.66 10.63
N ARG A 99 -11.10 21.14 9.99
CA ARG A 99 -9.76 20.74 10.39
C ARG A 99 -9.54 21.13 11.87
N ASN A 100 -9.98 22.32 12.24
CA ASN A 100 -9.82 22.72 13.64
C ASN A 100 -10.62 21.82 14.60
N ARG A 101 -11.83 21.40 14.21
CA ARG A 101 -12.59 20.48 15.05
C ARG A 101 -11.87 19.14 15.21
N ILE A 102 -11.28 18.66 14.11
CA ILE A 102 -10.56 17.41 14.14
C ILE A 102 -9.33 17.54 15.05
N ASN A 103 -8.59 18.62 14.91
CA ASN A 103 -7.38 18.75 15.70
C ASN A 103 -7.61 19.13 17.14
N ALA A 104 -8.82 19.53 17.48
CA ALA A 104 -9.18 19.77 18.88
C ALA A 104 -9.79 18.52 19.55
N GLY A 105 -9.97 17.45 18.79
CA GLY A 105 -10.65 16.29 19.31
C GLY A 105 -12.16 16.40 19.39
N GLU A 106 -12.75 17.38 18.71
CA GLU A 106 -14.19 17.60 18.75
C GLU A 106 -14.93 16.83 17.65
N THR A 107 -14.19 16.46 16.62
CA THR A 107 -14.71 15.60 15.57
C THR A 107 -13.72 14.46 15.42
N GLU A 108 -14.20 13.23 15.55
CA GLU A 108 -13.37 12.04 15.32
C GLU A 108 -13.18 11.87 13.82
N TYR A 109 -11.97 11.53 13.41
CA TYR A 109 -11.65 11.47 11.99
C TYR A 109 -10.85 10.24 11.63
N PHE A 110 -11.15 9.62 10.50
CA PHE A 110 -10.26 8.59 9.98
C PHE A 110 -10.14 8.76 8.49
N ASP A 111 -8.91 9.00 8.03
CA ASP A 111 -8.66 9.23 6.60
C ASP A 111 -8.35 7.95 5.85
N ASN A 112 -9.41 7.25 5.46
CA ASN A 112 -9.25 6.05 4.64
C ASN A 112 -8.66 6.32 3.26
N HIS A 113 -7.97 5.33 2.72
CA HIS A 113 -7.64 5.33 1.28
C HIS A 113 -8.91 5.58 0.48
N LEU A 114 -8.90 6.56 -0.42
CA LEU A 114 -10.14 6.97 -1.08
C LEU A 114 -10.77 5.84 -1.92
N GLY A 115 -9.96 4.99 -2.54
CA GLY A 115 -10.49 3.91 -3.35
C GLY A 115 -11.12 2.76 -2.55
N GLN A 116 -10.91 2.79 -1.24
CA GLN A 116 -11.40 1.73 -0.34
C GLN A 116 -12.68 2.09 0.38
N VAL A 117 -13.04 3.37 0.39
CA VAL A 117 -14.13 3.87 1.23
C VAL A 117 -15.46 3.16 0.91
N ALA A 118 -15.79 3.02 -0.37
CA ALA A 118 -17.06 2.37 -0.73
C ALA A 118 -17.11 0.95 -0.20
N GLY A 119 -16.00 0.22 -0.32
CA GLY A 119 -15.96 -1.17 0.13
C GLY A 119 -16.13 -1.26 1.64
N ARG A 120 -15.46 -0.37 2.37
CA ARG A 120 -15.60 -0.39 3.82
C ARG A 120 -16.99 0.02 4.25
N ALA A 121 -17.61 0.95 3.53
CA ALA A 121 -19.00 1.32 3.83
C ALA A 121 -19.93 0.11 3.66
N VAL A 122 -19.76 -0.64 2.56
CA VAL A 122 -20.60 -1.82 2.31
C VAL A 122 -20.35 -2.90 3.36
N GLN A 123 -19.09 -3.00 3.82
CA GLN A 123 -18.76 -3.94 4.89
C GLN A 123 -19.39 -3.56 6.22
N GLY A 124 -19.78 -2.30 6.36
CA GLY A 124 -20.47 -1.82 7.55
C GLY A 124 -19.59 -1.08 8.54
N ASN A 125 -18.37 -0.77 8.14
CA ASN A 125 -17.41 -0.17 9.06
C ASN A 125 -17.86 1.18 9.60
N TYR A 126 -18.66 1.93 8.85
CA TYR A 126 -19.17 3.22 9.32
C TYR A 126 -20.54 3.13 9.96
N GLY A 127 -21.07 1.91 10.07
CA GLY A 127 -22.41 1.71 10.60
C GLY A 127 -23.43 1.68 9.49
N LYS A 128 -24.71 1.68 9.87
CA LYS A 128 -25.75 1.64 8.85
C LYS A 128 -26.01 3.07 8.37
N PHE A 129 -26.09 3.27 7.05
CA PHE A 129 -26.33 4.59 6.51
C PHE A 129 -27.80 4.95 6.62
N ASN A 130 -28.08 6.05 7.31
CA ASN A 130 -29.44 6.52 7.42
C ASN A 130 -29.89 7.41 6.27
N ILE A 131 -28.95 8.19 5.75
CA ILE A 131 -29.25 9.20 4.76
C ILE A 131 -28.18 9.22 3.66
N ALA A 132 -28.59 9.29 2.40
CA ALA A 132 -27.70 9.69 1.33
C ALA A 132 -28.14 11.07 0.83
N LEU A 133 -27.20 12.01 0.77
CA LEU A 133 -27.52 13.37 0.34
C LEU A 133 -26.64 13.72 -0.84
N VAL A 134 -27.24 13.74 -2.03
CA VAL A 134 -26.48 13.76 -3.28
C VAL A 134 -26.92 14.92 -4.19
N GLU A 135 -25.95 15.64 -4.73
CA GLU A 135 -26.25 16.71 -5.67
C GLU A 135 -26.39 16.15 -7.10
N ALA A 136 -27.38 16.68 -7.81
CA ALA A 136 -27.65 16.24 -9.18
C ALA A 136 -27.76 17.41 -10.17
N THR A 137 -27.45 17.11 -11.42
CA THR A 137 -27.62 18.06 -12.50
C THR A 137 -29.06 17.95 -13.00
N ALA A 138 -29.56 16.73 -12.97
CA ALA A 138 -30.88 16.43 -13.52
C ALA A 138 -31.31 15.08 -13.04
N ILE A 139 -32.59 14.81 -13.21
CA ILE A 139 -33.17 13.50 -12.99
C ILE A 139 -33.81 13.07 -14.31
N THR A 140 -33.41 11.91 -14.82
CA THR A 140 -33.88 11.50 -16.14
C THR A 140 -35.30 10.97 -16.10
N GLU A 141 -35.83 10.71 -17.29
CA GLU A 141 -37.19 10.22 -17.41
C GLU A 141 -37.44 8.92 -16.64
N ASP A 142 -36.45 8.04 -16.58
CA ASP A 142 -36.66 6.76 -15.88
C ASP A 142 -36.16 6.82 -14.44
N GLY A 143 -35.91 8.03 -13.95
CA GLY A 143 -35.52 8.21 -12.56
C GLY A 143 -34.03 8.09 -12.26
N GLY A 144 -33.21 8.12 -13.30
CA GLY A 144 -31.76 8.12 -13.09
C GLY A 144 -31.31 9.47 -12.54
N ILE A 145 -30.30 9.46 -11.69
CA ILE A 145 -29.77 10.69 -11.11
C ILE A 145 -28.48 11.06 -11.84
N VAL A 146 -28.48 12.17 -12.57
CA VAL A 146 -27.27 12.64 -13.23
C VAL A 146 -26.43 13.40 -12.21
N PRO A 147 -25.19 12.94 -11.94
CA PRO A 147 -24.34 13.64 -10.98
C PRO A 147 -23.91 15.00 -11.49
N THR A 148 -23.19 15.77 -10.66
CA THR A 148 -22.71 17.08 -11.11
C THR A 148 -21.19 17.03 -11.40
N SER A 149 -20.39 17.82 -10.71
CA SER A 149 -18.98 17.96 -11.04
C SER A 149 -18.05 16.91 -10.40
N SER A 150 -18.65 15.92 -9.74
CA SER A 150 -17.90 14.76 -9.24
C SER A 150 -18.83 13.55 -9.13
N VAL A 151 -18.25 12.36 -9.11
CA VAL A 151 -19.01 11.16 -8.86
C VAL A 151 -18.75 10.66 -7.45
N GLY A 152 -17.48 10.54 -7.06
CA GLY A 152 -17.15 10.13 -5.70
C GLY A 152 -17.72 8.78 -5.33
N ASN A 153 -18.36 8.72 -4.15
CA ASN A 153 -18.97 7.51 -3.62
C ASN A 153 -20.49 7.49 -3.73
N SER A 154 -21.01 8.39 -4.54
CA SER A 154 -22.46 8.61 -4.52
C SER A 154 -23.30 7.36 -4.84
N GLN A 155 -22.82 6.51 -5.74
CA GLN A 155 -23.62 5.33 -6.08
C GLN A 155 -23.69 4.38 -4.88
N THR A 156 -22.58 4.25 -4.16
CA THR A 156 -22.56 3.35 -3.01
C THR A 156 -23.46 3.88 -1.89
N PHE A 157 -23.40 5.19 -1.65
CA PHE A 157 -24.22 5.78 -0.60
C PHE A 157 -25.71 5.63 -0.93
N LEU A 158 -26.06 5.78 -2.21
CA LEU A 158 -27.45 5.60 -2.62
C LEU A 158 -27.92 4.16 -2.38
N ASN A 159 -27.04 3.21 -2.68
CA ASN A 159 -27.34 1.80 -2.42
C ASN A 159 -27.57 1.51 -0.95
N LEU A 160 -26.73 2.09 -0.10
CA LEU A 160 -26.75 1.72 1.31
C LEU A 160 -27.80 2.47 2.13
N ALA A 161 -28.11 3.70 1.76
CA ALA A 161 -28.92 4.54 2.66
C ALA A 161 -30.39 4.13 2.79
N GLU A 162 -30.92 4.30 4.01
CA GLU A 162 -32.34 4.06 4.24
C GLU A 162 -33.21 5.09 3.50
N LYS A 163 -32.80 6.35 3.52
CA LYS A 163 -33.53 7.45 2.88
C LYS A 163 -32.56 8.30 2.07
N VAL A 164 -33.07 8.84 0.97
CA VAL A 164 -32.30 9.59 0.02
C VAL A 164 -32.88 10.99 -0.14
N ILE A 165 -31.98 11.97 -0.11
CA ILE A 165 -32.30 13.36 -0.41
C ILE A 165 -31.45 13.80 -1.60
N ILE A 166 -32.10 14.35 -2.63
CA ILE A 166 -31.40 14.85 -3.82
C ILE A 166 -31.48 16.36 -3.91
N GLU A 167 -30.35 17.03 -4.12
CA GLU A 167 -30.34 18.47 -4.45
C GLU A 167 -30.13 18.63 -5.93
N VAL A 168 -31.09 19.21 -6.64
CA VAL A 168 -30.95 19.46 -8.08
C VAL A 168 -30.50 20.90 -8.30
N ASN A 169 -29.25 21.06 -8.74
CA ASN A 169 -28.57 22.36 -8.74
C ASN A 169 -28.54 22.99 -10.14
N GLU A 170 -29.34 24.04 -10.35
CA GLU A 170 -29.42 24.61 -11.70
C GLU A 170 -28.15 25.39 -12.05
N TRP A 171 -27.26 25.61 -11.08
CA TRP A 171 -25.97 26.21 -11.39
C TRP A 171 -25.09 25.29 -12.24
N GLN A 172 -25.28 23.98 -12.09
CA GLN A 172 -24.47 22.99 -12.76
C GLN A 172 -24.97 22.83 -14.20
N ASN A 173 -24.03 22.82 -15.15
CA ASN A 173 -24.34 22.77 -16.58
C ASN A 173 -25.10 21.51 -16.98
N PRO A 174 -26.25 21.67 -17.67
CA PRO A 174 -27.02 20.51 -18.15
C PRO A 174 -26.20 19.56 -19.02
N MET A 175 -25.18 20.08 -19.70
CA MET A 175 -24.42 19.26 -20.62
C MET A 175 -23.39 18.41 -19.90
N LEU A 176 -23.36 18.47 -18.57
CA LEU A 176 -22.61 17.47 -17.80
C LEU A 176 -23.20 16.07 -17.99
N GLU A 177 -24.49 16.02 -18.29
CA GLU A 177 -25.14 14.74 -18.56
C GLU A 177 -24.44 14.03 -19.72
N GLY A 178 -23.92 12.86 -19.43
CA GLY A 178 -23.13 12.10 -20.40
C GLY A 178 -21.63 12.03 -20.10
N ILE A 179 -21.14 12.90 -19.22
CA ILE A 179 -19.69 12.89 -18.93
C ILE A 179 -19.33 11.79 -17.95
N HIS A 180 -20.30 11.32 -17.18
CA HIS A 180 -20.02 10.35 -16.14
C HIS A 180 -20.09 8.93 -16.64
N ASP A 181 -19.34 8.06 -15.99
CA ASP A 181 -19.42 6.63 -16.26
C ASP A 181 -19.66 5.93 -14.93
N ILE A 182 -20.88 5.42 -14.74
CA ILE A 182 -21.27 4.75 -13.50
C ILE A 182 -21.50 3.30 -13.81
N TRP A 183 -20.81 2.41 -13.12
CA TRP A 183 -20.94 0.98 -13.40
C TRP A 183 -21.80 0.27 -12.38
N ASP A 184 -22.60 -0.70 -12.83
CA ASP A 184 -23.37 -1.49 -11.88
C ASP A 184 -22.62 -2.75 -11.43
N GLY A 185 -21.39 -2.91 -11.89
CA GLY A 185 -20.63 -4.11 -11.55
C GLY A 185 -20.14 -4.06 -10.12
N ASN A 186 -19.71 -5.21 -9.63
CA ASN A 186 -19.28 -5.37 -8.24
C ASN A 186 -17.80 -5.00 -8.07
N VAL A 187 -17.55 -3.72 -7.78
CA VAL A 187 -16.21 -3.21 -7.52
C VAL A 187 -15.93 -3.21 -6.01
N SER A 188 -16.96 -2.91 -5.23
CA SER A 188 -16.79 -2.66 -3.79
C SER A 188 -17.80 -3.42 -2.95
N GLY A 189 -18.49 -4.37 -3.57
CA GLY A 189 -19.49 -5.14 -2.86
C GLY A 189 -18.95 -6.41 -2.23
N VAL A 190 -19.84 -7.37 -2.01
CA VAL A 190 -19.44 -8.60 -1.35
C VAL A 190 -18.59 -9.47 -2.26
N PRO A 191 -17.46 -10.01 -1.73
CA PRO A 191 -16.62 -10.91 -2.51
C PRO A 191 -17.41 -12.16 -2.90
N THR A 192 -17.12 -12.77 -4.04
CA THR A 192 -16.07 -12.37 -4.97
C THR A 192 -16.50 -11.21 -5.82
N ARG A 193 -15.62 -10.22 -5.98
CA ARG A 193 -15.94 -9.08 -6.81
C ARG A 193 -15.76 -9.39 -8.29
N ASP A 194 -16.24 -8.49 -9.13
CA ASP A 194 -16.11 -8.66 -10.57
C ASP A 194 -14.75 -8.20 -11.05
N ILE A 195 -14.32 -8.77 -12.17
CA ILE A 195 -13.22 -8.17 -12.90
C ILE A 195 -13.67 -6.78 -13.34
N VAL A 196 -12.85 -5.77 -13.08
CA VAL A 196 -13.10 -4.43 -13.61
C VAL A 196 -12.30 -4.36 -14.91
N PRO A 197 -12.99 -4.33 -16.05
CA PRO A 197 -12.32 -4.65 -17.32
C PRO A 197 -11.66 -3.46 -18.04
N ILE A 198 -11.26 -2.44 -17.30
CA ILE A 198 -10.68 -1.25 -17.92
C ILE A 198 -9.24 -1.49 -18.35
N VAL A 199 -9.00 -1.35 -19.65
CA VAL A 199 -7.65 -1.51 -20.19
C VAL A 199 -7.18 -0.29 -20.98
N ARG A 200 -7.98 0.77 -20.95
CA ARG A 200 -7.64 2.06 -21.55
C ARG A 200 -8.21 3.18 -20.68
N ALA A 201 -7.49 4.28 -20.55
CA ALA A 201 -7.97 5.37 -19.71
C ALA A 201 -9.25 6.04 -20.24
N ASP A 202 -9.52 5.87 -21.53
CA ASP A 202 -10.73 6.45 -22.12
C ASP A 202 -11.91 5.47 -22.21
N GLN A 203 -11.78 4.32 -21.55
CA GLN A 203 -12.82 3.29 -21.71
C GLN A 203 -14.01 3.46 -20.78
N ARG A 204 -15.22 3.46 -21.35
CA ARG A 204 -16.43 3.46 -20.53
C ARG A 204 -16.95 2.05 -20.32
N VAL A 205 -17.40 1.76 -19.09
CA VAL A 205 -17.92 0.45 -18.76
C VAL A 205 -19.36 0.49 -18.28
N GLY A 206 -19.88 1.69 -18.01
CA GLY A 206 -21.22 1.80 -17.44
C GLY A 206 -22.09 2.75 -18.21
N GLY A 207 -22.83 3.57 -17.45
CA GLY A 207 -23.78 4.49 -18.04
C GLY A 207 -23.73 5.83 -17.36
N PRO A 208 -24.63 6.73 -17.77
CA PRO A 208 -24.50 8.15 -17.41
C PRO A 208 -25.18 8.51 -16.10
N VAL A 209 -25.87 7.57 -15.48
CA VAL A 209 -26.64 7.95 -14.29
C VAL A 209 -26.41 7.08 -13.07
N LEU A 210 -26.62 7.68 -11.90
CA LEU A 210 -26.69 6.95 -10.65
C LEU A 210 -28.06 6.29 -10.55
N ARG A 211 -28.11 5.07 -10.06
CA ARG A 211 -29.38 4.36 -9.94
C ARG A 211 -29.84 4.29 -8.50
N VAL A 212 -31.13 4.52 -8.27
CA VAL A 212 -31.71 4.46 -6.93
C VAL A 212 -33.19 4.12 -7.02
N ASN A 213 -33.64 3.26 -6.12
CA ASN A 213 -35.07 2.96 -5.99
C ASN A 213 -35.79 4.26 -5.64
N PRO A 214 -36.73 4.72 -6.50
CA PRO A 214 -37.38 6.00 -6.22
C PRO A 214 -38.15 6.00 -4.90
N ASP A 215 -38.51 4.82 -4.41
CA ASP A 215 -39.24 4.72 -3.16
C ASP A 215 -38.38 5.15 -1.95
N LYS A 216 -37.06 5.20 -2.12
CA LYS A 216 -36.17 5.64 -1.03
C LYS A 216 -35.97 7.14 -1.03
N ILE A 217 -36.39 7.80 -2.10
CA ILE A 217 -36.22 9.23 -2.21
C ILE A 217 -37.29 9.93 -1.36
N ALA A 218 -36.82 10.59 -0.30
CA ALA A 218 -37.69 11.22 0.69
C ALA A 218 -37.91 12.71 0.42
N ALA A 219 -37.02 13.29 -0.36
CA ALA A 219 -37.03 14.72 -0.58
C ALA A 219 -36.13 15.07 -1.75
N ILE A 220 -36.59 16.03 -2.54
CA ILE A 220 -35.78 16.60 -3.59
C ILE A 220 -35.79 18.12 -3.38
N VAL A 221 -34.62 18.74 -3.44
CA VAL A 221 -34.50 20.16 -3.17
C VAL A 221 -33.94 20.87 -4.38
N ARG A 222 -34.62 21.92 -4.83
CA ARG A 222 -34.13 22.72 -5.94
C ARG A 222 -33.13 23.74 -5.44
N THR A 223 -31.92 23.73 -6.00
CA THR A 223 -30.88 24.64 -5.56
C THR A 223 -30.25 25.42 -6.71
N ASN A 224 -29.48 26.44 -6.35
CA ASN A 224 -28.72 27.24 -7.31
C ASN A 224 -27.50 27.85 -6.62
N ASP A 225 -26.42 27.09 -6.51
CA ASP A 225 -25.28 27.57 -5.75
C ASP A 225 -23.98 27.03 -6.34
N ARG A 226 -22.89 27.77 -6.18
CA ARG A 226 -21.61 27.40 -6.78
C ARG A 226 -20.77 26.40 -5.97
N ASP A 227 -19.97 25.59 -6.68
CA ASP A 227 -18.91 24.78 -6.06
C ASP A 227 -17.83 25.65 -5.41
N ARG A 228 -16.86 25.02 -4.74
CA ARG A 228 -15.85 25.73 -3.97
C ARG A 228 -14.97 26.61 -4.87
N ASN A 229 -14.49 26.01 -5.96
CA ASN A 229 -13.67 26.67 -6.98
C ASN A 229 -12.56 27.56 -6.41
N ALA A 230 -11.58 26.93 -5.77
CA ALA A 230 -10.46 27.64 -5.15
C ALA A 230 -9.67 28.44 -6.19
N PRO A 231 -9.12 29.58 -5.77
CA PRO A 231 -8.34 30.43 -6.69
C PRO A 231 -7.15 29.67 -7.33
N PHE A 232 -6.81 30.03 -8.56
CA PHE A 232 -5.68 29.39 -9.22
C PHE A 232 -4.37 29.67 -8.50
N ALA A 233 -3.62 28.61 -8.23
CA ALA A 233 -2.35 28.73 -7.53
C ALA A 233 -1.23 28.94 -8.54
N ALA A 234 -0.90 30.20 -8.80
CA ALA A 234 0.13 30.53 -9.78
C ALA A 234 1.48 29.99 -9.33
N PRO A 235 2.12 29.19 -10.21
CA PRO A 235 3.45 28.66 -9.89
C PRO A 235 4.47 29.74 -9.53
N ASP A 236 5.15 29.56 -8.40
CA ASP A 236 6.25 30.43 -8.03
C ASP A 236 7.56 29.83 -8.52
N GLU A 237 8.69 30.44 -8.19
CA GLU A 237 9.93 29.95 -8.75
C GLU A 237 10.27 28.56 -8.21
N THR A 238 9.92 28.29 -6.95
CA THR A 238 10.14 26.97 -6.38
C THR A 238 9.38 25.90 -7.15
N ALA A 239 8.10 26.14 -7.41
CA ALA A 239 7.32 25.18 -8.21
C ALA A 239 7.86 25.01 -9.62
N LYS A 240 8.28 26.10 -10.26
CA LYS A 240 8.83 26.01 -11.61
C LYS A 240 10.14 25.21 -11.62
N ALA A 241 10.94 25.34 -10.56
CA ALA A 241 12.20 24.58 -10.51
C ALA A 241 11.91 23.08 -10.37
N ILE A 242 10.95 22.77 -9.48
CA ILE A 242 10.54 21.40 -9.26
C ILE A 242 10.04 20.79 -10.58
N ALA A 243 9.17 21.51 -11.26
CA ALA A 243 8.65 21.03 -12.53
C ALA A 243 9.77 20.85 -13.57
N GLY A 244 10.73 21.77 -13.58
CA GLY A 244 11.84 21.66 -14.51
C GLY A 244 12.64 20.38 -14.28
N TYR A 245 12.95 20.06 -13.02
CA TYR A 245 13.69 18.82 -12.76
C TYR A 245 12.87 17.60 -13.16
N LEU A 246 11.57 17.64 -12.90
CA LEU A 246 10.74 16.49 -13.22
C LEU A 246 10.63 16.27 -14.72
N LEU A 247 10.44 17.35 -15.46
CA LEU A 247 10.30 17.24 -16.92
C LEU A 247 11.62 16.79 -17.56
N ASP A 248 12.74 17.21 -16.98
CA ASP A 248 14.06 16.75 -17.47
C ASP A 248 14.21 15.25 -17.25
N PHE A 249 13.76 14.76 -16.10
CA PHE A 249 13.77 13.35 -15.80
C PHE A 249 12.90 12.56 -16.78
N PHE A 250 11.68 13.03 -17.04
CA PHE A 250 10.82 12.36 -18.02
C PHE A 250 11.51 12.32 -19.37
N GLY A 251 12.11 13.44 -19.78
CA GLY A 251 12.79 13.47 -21.07
C GLY A 251 13.91 12.44 -21.11
N HIS A 252 14.65 12.29 -20.03
CA HIS A 252 15.71 11.31 -20.00
C HIS A 252 15.19 9.85 -20.04
N GLU A 253 14.12 9.59 -19.31
CA GLU A 253 13.52 8.26 -19.35
C GLU A 253 13.09 7.91 -20.76
N VAL A 254 12.49 8.89 -21.46
CA VAL A 254 12.11 8.64 -22.85
C VAL A 254 13.34 8.38 -23.74
N LYS A 255 14.41 9.15 -23.57
CA LYS A 255 15.62 8.98 -24.39
C LYS A 255 16.34 7.67 -24.09
N GLN A 256 16.06 7.07 -22.93
CA GLN A 256 16.60 5.76 -22.57
C GLN A 256 15.59 4.62 -22.80
N ASN A 257 14.47 4.94 -23.46
CA ASN A 257 13.40 3.97 -23.76
C ASN A 257 12.78 3.30 -22.55
N ARG A 258 12.77 3.98 -21.41
CA ARG A 258 12.10 3.45 -20.24
C ARG A 258 10.70 4.03 -20.10
N LEU A 259 10.39 4.98 -20.97
CA LEU A 259 9.03 5.47 -21.15
C LEU A 259 8.83 5.73 -22.62
N PRO A 260 7.59 5.56 -23.09
CA PRO A 260 7.20 5.97 -24.43
C PRO A 260 7.23 7.50 -24.56
N PRO A 261 7.33 8.03 -25.77
CA PRO A 261 7.22 9.48 -25.97
C PRO A 261 5.89 10.06 -25.51
N SER A 262 4.87 9.21 -25.38
CA SER A 262 3.58 9.64 -24.83
C SER A 262 3.49 9.38 -23.32
N LEU A 263 4.64 9.06 -22.72
CA LEU A 263 4.74 8.75 -21.29
C LEU A 263 3.75 7.61 -20.97
N LEU A 264 3.14 7.67 -19.80
CA LEU A 264 2.14 6.71 -19.35
C LEU A 264 1.01 7.52 -18.73
N PRO A 265 -0.13 6.88 -18.43
CA PRO A 265 -1.23 7.66 -17.84
C PRO A 265 -0.79 8.42 -16.59
N LEU A 266 -1.10 9.71 -16.54
CA LEU A 266 -0.57 10.60 -15.52
C LEU A 266 -1.59 10.85 -14.42
N GLN A 267 -1.12 10.77 -13.17
CA GLN A 267 -1.91 11.19 -12.01
C GLN A 267 -1.20 12.33 -11.35
N SER A 268 -1.89 13.46 -11.20
CA SER A 268 -1.32 14.57 -10.46
C SER A 268 -2.32 15.11 -9.45
N GLY A 269 -1.83 15.94 -8.54
CA GLY A 269 -2.68 16.56 -7.55
C GLY A 269 -3.16 17.94 -7.95
N VAL A 270 -3.34 18.77 -6.95
CA VAL A 270 -3.74 20.14 -7.20
C VAL A 270 -2.70 21.07 -6.61
N GLY A 271 -2.77 22.34 -6.99
CA GLY A 271 -1.92 23.33 -6.37
C GLY A 271 -0.72 23.75 -7.19
N ASN A 272 0.09 24.60 -6.58
CA ASN A 272 1.31 25.24 -7.11
C ASN A 272 2.17 24.35 -8.00
N VAL A 273 2.66 23.27 -7.41
CA VAL A 273 3.59 22.41 -8.09
C VAL A 273 2.93 21.64 -9.23
N ALA A 274 1.76 21.05 -8.97
CA ALA A 274 1.05 20.32 -10.01
C ALA A 274 0.74 21.25 -11.19
N ASN A 275 0.35 22.49 -10.89
CA ASN A 275 0.12 23.48 -11.96
C ASN A 275 1.38 23.72 -12.79
N ALA A 276 2.53 23.79 -12.15
CA ALA A 276 3.78 24.01 -12.86
C ALA A 276 4.12 22.82 -13.73
N VAL A 277 3.86 21.61 -13.21
CA VAL A 277 4.13 20.39 -13.96
C VAL A 277 3.24 20.31 -15.20
N LEU A 278 1.95 20.60 -15.02
CA LEU A 278 1.03 20.59 -16.16
C LEU A 278 1.41 21.64 -17.20
N GLU A 279 1.91 22.81 -16.77
CA GLU A 279 2.34 23.83 -17.72
C GLU A 279 3.59 23.35 -18.46
N GLY A 280 4.47 22.66 -17.73
CA GLY A 280 5.65 22.08 -18.34
C GLY A 280 5.33 21.02 -19.37
N LEU A 281 4.30 20.21 -19.10
CA LEU A 281 3.90 19.14 -20.02
C LEU A 281 3.28 19.71 -21.29
N LYS A 282 2.61 20.84 -21.15
CA LYS A 282 1.99 21.47 -22.30
C LYS A 282 3.07 21.94 -23.28
N GLU A 283 4.23 22.31 -22.76
CA GLU A 283 5.28 22.88 -23.58
C GLU A 283 6.36 21.88 -23.96
N GLY A 284 6.35 20.72 -23.32
CA GLY A 284 7.42 19.74 -23.45
C GLY A 284 7.40 18.96 -24.76
N PRO A 285 8.39 18.07 -24.92
CA PRO A 285 8.61 17.26 -26.12
C PRO A 285 7.84 15.94 -26.07
N PHE A 286 6.61 15.97 -25.55
CA PHE A 286 5.85 14.74 -25.44
C PHE A 286 4.62 14.92 -26.31
N GLU A 287 3.81 13.88 -26.45
CA GLU A 287 2.63 13.99 -27.29
C GLU A 287 1.69 12.92 -26.86
N ASN A 288 0.39 13.07 -27.20
CA ASN A 288 -0.60 12.02 -26.99
C ASN A 288 -0.66 11.57 -25.54
N LEU A 289 -0.59 12.55 -24.65
CA LEU A 289 -0.68 12.27 -23.22
C LEU A 289 -2.07 11.87 -22.80
N VAL A 290 -2.12 11.14 -21.69
CA VAL A 290 -3.34 10.61 -21.15
C VAL A 290 -3.37 10.85 -19.65
N GLY A 291 -4.51 11.26 -19.10
CA GLY A 291 -4.63 11.37 -17.65
C GLY A 291 -5.49 10.28 -17.04
N TYR A 292 -4.99 9.67 -15.96
CA TYR A 292 -5.80 8.76 -15.19
C TYR A 292 -5.53 9.12 -13.74
N SER A 293 -6.44 9.89 -13.17
CA SER A 293 -6.16 10.61 -11.93
C SER A 293 -7.41 10.64 -11.05
N GLU A 294 -7.34 11.35 -9.93
CA GLU A 294 -8.54 11.64 -9.14
C GLU A 294 -9.29 12.82 -9.67
N VAL A 295 -8.55 13.77 -10.24
CA VAL A 295 -9.05 15.11 -10.51
CA VAL A 295 -9.07 15.10 -10.49
C VAL A 295 -8.71 15.64 -11.88
N ILE A 296 -9.59 16.49 -12.44
CA ILE A 296 -9.31 17.31 -13.62
C ILE A 296 -8.96 18.72 -13.11
N GLN A 297 -7.75 19.23 -13.40
CA GLN A 297 -7.47 20.59 -12.97
C GLN A 297 -7.23 21.53 -14.17
N ASP A 298 -7.02 22.82 -13.88
CA ASP A 298 -6.97 23.84 -14.92
C ASP A 298 -6.06 23.49 -16.09
N GLY A 299 -4.88 23.01 -15.75
CA GLY A 299 -3.83 22.75 -16.72
C GLY A 299 -4.18 21.62 -17.66
N MET A 300 -5.03 20.72 -17.20
CA MET A 300 -5.51 19.62 -18.04
C MET A 300 -6.41 20.10 -19.14
N LEU A 301 -7.35 20.99 -18.80
CA LEU A 301 -8.24 21.56 -19.81
C LEU A 301 -7.42 22.15 -20.93
N ALA A 302 -6.32 22.79 -20.54
CA ALA A 302 -5.43 23.44 -21.48
C ALA A 302 -4.85 22.43 -22.48
N MET A 303 -4.43 21.27 -21.96
CA MET A 303 -3.82 20.28 -22.84
C MET A 303 -4.90 19.53 -23.62
N LEU A 304 -6.09 19.36 -23.06
CA LEU A 304 -7.16 18.75 -23.84
C LEU A 304 -7.57 19.64 -25.01
N ASP A 305 -7.54 20.95 -24.79
CA ASP A 305 -7.85 21.91 -25.82
C ASP A 305 -6.80 21.88 -26.92
N SER A 306 -5.52 21.87 -26.54
CA SER A 306 -4.43 21.92 -27.52
C SER A 306 -4.26 20.59 -28.26
N GLY A 307 -4.71 19.49 -27.64
CA GLY A 307 -4.60 18.19 -28.25
C GLY A 307 -3.40 17.44 -27.68
N ARG A 308 -2.64 18.12 -26.81
CA ARG A 308 -1.49 17.52 -26.17
C ARG A 308 -1.91 16.35 -25.29
N MET A 309 -3.07 16.52 -24.64
CA MET A 309 -3.69 15.44 -23.88
CA MET A 309 -3.69 15.45 -23.89
C MET A 309 -4.88 14.92 -24.67
N ARG A 310 -5.00 13.60 -24.79
CA ARG A 310 -6.10 13.04 -25.60
C ARG A 310 -7.36 12.74 -24.80
N ILE A 311 -7.19 12.39 -23.53
CA ILE A 311 -8.31 12.05 -22.66
C ILE A 311 -7.87 12.27 -21.24
N ALA A 312 -8.80 12.63 -20.37
CA ALA A 312 -8.51 12.72 -18.94
C ALA A 312 -9.62 12.00 -18.16
N SER A 313 -9.23 11.01 -17.37
CA SER A 313 -10.12 10.29 -16.46
C SER A 313 -9.91 10.77 -15.03
N ALA A 314 -10.99 10.93 -14.28
CA ALA A 314 -10.95 11.41 -12.90
C ALA A 314 -12.23 11.04 -12.18
N SER A 315 -12.33 11.38 -10.90
CA SER A 315 -13.64 11.29 -10.24
C SER A 315 -14.31 12.66 -10.13
N SER A 316 -13.53 13.74 -10.31
CA SER A 316 -14.01 15.08 -10.03
CA SER A 316 -14.01 15.09 -10.05
C SER A 316 -13.27 16.15 -10.82
N PHE A 317 -13.87 17.35 -10.84
CA PHE A 317 -13.25 18.58 -11.30
C PHE A 317 -12.64 19.35 -10.13
N SER A 318 -11.48 19.96 -10.34
CA SER A 318 -10.95 20.92 -9.35
C SER A 318 -10.42 22.11 -10.10
N LEU A 319 -11.31 23.06 -10.35
CA LEU A 319 -11.03 24.14 -11.27
C LEU A 319 -11.09 25.49 -10.59
N SER A 320 -10.33 26.42 -11.11
CA SER A 320 -10.46 27.82 -10.73
C SER A 320 -11.74 28.39 -11.36
N PRO A 321 -12.22 29.54 -10.84
CA PRO A 321 -13.35 30.20 -11.50
C PRO A 321 -13.16 30.41 -13.02
N GLU A 322 -11.94 30.75 -13.44
CA GLU A 322 -11.69 30.98 -14.86
C GLU A 322 -11.92 29.71 -15.64
N ALA A 323 -11.37 28.62 -15.11
CA ALA A 323 -11.38 27.35 -15.78
C ALA A 323 -12.78 26.76 -15.76
N ALA A 324 -13.49 26.98 -14.66
CA ALA A 324 -14.87 26.51 -14.56
C ALA A 324 -15.73 27.20 -15.61
N GLU A 325 -15.39 28.46 -15.90
CA GLU A 325 -16.12 29.21 -16.91
C GLU A 325 -15.78 28.73 -18.31
N GLU A 326 -14.50 28.47 -18.56
CA GLU A 326 -14.06 27.93 -19.83
C GLU A 326 -14.76 26.61 -20.15
N ILE A 327 -14.81 25.71 -19.18
CA ILE A 327 -15.38 24.39 -19.43
C ILE A 327 -16.90 24.45 -19.61
N ASN A 328 -17.56 25.40 -18.96
CA ASN A 328 -19.01 25.49 -19.09
C ASN A 328 -19.41 26.14 -20.40
N ASN A 329 -18.56 27.02 -20.91
CA ASN A 329 -18.82 27.61 -22.21
C ASN A 329 -18.56 26.63 -23.34
N ARG A 330 -17.79 25.58 -23.05
CA ARG A 330 -17.41 24.60 -24.06
C ARG A 330 -17.62 23.17 -23.57
N MET A 331 -18.67 22.95 -22.78
CA MET A 331 -18.94 21.64 -22.20
C MET A 331 -19.16 20.58 -23.27
N ASP A 332 -19.76 20.96 -24.40
CA ASP A 332 -19.95 19.95 -25.43
C ASP A 332 -18.61 19.42 -25.96
N PHE A 333 -17.62 20.30 -26.11
CA PHE A 333 -16.27 19.87 -26.47
C PHE A 333 -15.60 19.06 -25.36
N PHE A 334 -15.59 19.60 -24.15
CA PHE A 334 -14.84 18.94 -23.09
C PHE A 334 -15.50 17.64 -22.62
N ARG A 335 -16.81 17.54 -22.79
CA ARG A 335 -17.50 16.31 -22.43
C ARG A 335 -17.00 15.12 -23.24
N SER A 336 -16.52 15.39 -24.46
CA SER A 336 -15.99 14.30 -25.27
C SER A 336 -14.56 13.93 -24.91
N LYS A 337 -13.93 14.70 -24.03
CA LYS A 337 -12.52 14.52 -23.69
C LYS A 337 -12.25 14.04 -22.27
N ILE A 338 -13.31 14.00 -21.48
CA ILE A 338 -13.24 13.75 -20.05
C ILE A 338 -14.18 12.61 -19.67
N ILE A 339 -13.73 11.71 -18.79
CA ILE A 339 -14.62 10.73 -18.18
C ILE A 339 -14.56 10.88 -16.67
N LEU A 340 -15.71 11.05 -16.01
CA LEU A 340 -15.77 11.08 -14.54
C LEU A 340 -16.31 9.74 -14.04
N ARG A 341 -15.52 9.10 -13.19
CA ARG A 341 -15.79 7.75 -12.72
C ARG A 341 -16.07 7.75 -11.22
N GLN A 342 -16.72 6.69 -10.75
CA GLN A 342 -16.77 6.40 -9.32
C GLN A 342 -15.36 6.36 -8.73
N GLN A 343 -15.18 6.85 -7.51
CA GLN A 343 -13.82 6.92 -6.99
C GLN A 343 -13.25 5.54 -6.65
N ASP A 344 -14.11 4.54 -6.48
CA ASP A 344 -13.55 3.19 -6.27
C ASP A 344 -13.06 2.58 -7.59
N VAL A 345 -13.31 3.28 -8.70
CA VAL A 345 -12.74 2.91 -9.99
C VAL A 345 -11.55 3.81 -10.38
N SER A 346 -11.70 5.12 -10.20
CA SER A 346 -10.57 6.01 -10.48
C SER A 346 -9.39 5.68 -9.58
N ASN A 347 -9.68 5.19 -8.38
CA ASN A 347 -8.62 4.90 -7.41
C ASN A 347 -8.43 3.40 -7.15
N SER A 348 -8.84 2.58 -8.12
CA SER A 348 -8.66 1.13 -8.02
C SER A 348 -7.20 0.73 -8.19
N PRO A 349 -6.59 0.12 -7.16
CA PRO A 349 -5.19 -0.27 -7.33
C PRO A 349 -4.95 -1.21 -8.51
N GLY A 350 -5.86 -2.16 -8.75
CA GLY A 350 -5.75 -3.06 -9.87
C GLY A 350 -5.70 -2.33 -11.21
N ILE A 351 -6.53 -1.31 -11.39
CA ILE A 351 -6.56 -0.56 -12.64
CA ILE A 351 -6.55 -0.59 -12.65
C ILE A 351 -5.33 0.33 -12.78
N ILE A 352 -4.96 0.99 -11.68
CA ILE A 352 -3.81 1.87 -11.69
C ILE A 352 -2.56 1.10 -12.12
N ARG A 353 -2.36 -0.09 -11.54
CA ARG A 353 -1.23 -0.92 -11.92
C ARG A 353 -1.30 -1.41 -13.34
N ARG A 354 -2.50 -1.84 -13.75
CA ARG A 354 -2.66 -2.41 -15.08
C ARG A 354 -2.31 -1.35 -16.15
N LEU A 355 -2.77 -0.12 -15.93
CA LEU A 355 -2.49 0.96 -16.89
C LEU A 355 -1.08 1.50 -16.79
N GLY A 356 -0.40 1.22 -15.67
CA GLY A 356 0.97 1.66 -15.50
C GLY A 356 1.06 3.15 -15.22
N CYS A 357 0.21 3.65 -14.31
CA CYS A 357 0.19 5.09 -14.08
C CYS A 357 1.49 5.62 -13.49
N ILE A 358 1.78 6.88 -13.83
CA ILE A 358 2.83 7.64 -13.19
C ILE A 358 2.17 8.51 -12.12
N ALA A 359 2.58 8.30 -10.86
CA ALA A 359 1.96 8.99 -9.72
C ALA A 359 2.87 10.14 -9.30
N MET A 360 2.29 11.33 -9.17
CA MET A 360 3.01 12.55 -8.78
C MET A 360 2.28 13.16 -7.61
N ASN A 361 2.85 13.09 -6.43
CA ASN A 361 2.12 13.51 -5.24
C ASN A 361 2.93 14.43 -4.36
N GLY A 362 2.22 15.28 -3.60
CA GLY A 362 2.86 16.14 -2.61
C GLY A 362 3.21 15.41 -1.34
N MET A 363 3.86 16.11 -0.42
CA MET A 363 4.17 15.53 0.88
C MET A 363 4.40 16.64 1.87
N ILE A 364 4.14 16.33 3.13
CA ILE A 364 4.62 17.18 4.22
C ILE A 364 6.15 17.07 4.35
N GLU A 365 6.65 15.86 4.52
CA GLU A 365 8.07 15.65 4.75
C GLU A 365 8.44 14.22 4.38
N ALA A 366 9.72 14.01 4.16
CA ALA A 366 10.26 12.66 4.01
C ALA A 366 11.44 12.54 4.94
N ASP A 367 11.67 11.35 5.47
CA ASP A 367 12.92 11.22 6.20
C ASP A 367 14.07 10.91 5.26
N ILE A 368 15.27 10.84 5.81
CA ILE A 368 16.43 10.67 4.94
C ILE A 368 16.39 9.34 4.23
N TYR A 369 15.62 8.39 4.71
CA TYR A 369 15.49 7.12 4.02
C TYR A 369 14.33 7.09 3.04
N GLY A 370 13.58 8.18 2.93
CA GLY A 370 12.57 8.24 1.89
C GLY A 370 11.26 7.59 2.27
N ASN A 371 10.96 7.52 3.57
CA ASN A 371 9.59 7.31 4.06
C ASN A 371 8.89 8.67 4.08
N VAL A 372 7.59 8.68 3.77
CA VAL A 372 6.89 9.92 3.47
C VAL A 372 5.71 10.15 4.39
N ASN A 373 5.63 11.37 4.92
CA ASN A 373 4.47 11.86 5.68
C ASN A 373 3.62 12.75 4.78
N SER A 374 2.35 12.41 4.58
CA SER A 374 1.42 13.21 3.76
C SER A 374 0.39 13.95 4.58
N THR A 375 0.41 13.79 5.90
CA THR A 375 -0.81 14.08 6.67
C THR A 375 -0.66 14.76 8.03
N ARG A 376 0.31 14.36 8.86
CA ARG A 376 0.22 14.72 10.27
C ARG A 376 1.44 15.51 10.69
N VAL A 377 1.25 16.82 10.81
CA VAL A 377 2.35 17.72 11.13
C VAL A 377 2.76 17.50 12.59
N MET A 378 4.08 17.33 12.80
CA MET A 378 4.67 16.96 14.09
C MET A 378 4.20 15.57 14.56
N GLY A 379 3.58 14.82 13.67
CA GLY A 379 3.08 13.51 14.01
C GLY A 379 1.67 13.49 14.55
N SER A 380 1.09 14.66 14.85
CA SER A 380 -0.16 14.69 15.63
C SER A 380 -1.26 15.61 15.10
N LYS A 381 -0.91 16.54 14.22
CA LYS A 381 -1.86 17.56 13.77
C LYS A 381 -2.23 17.30 12.32
N MET A 382 -3.48 16.93 12.09
CA MET A 382 -3.93 16.58 10.75
C MET A 382 -3.89 17.80 9.83
N MET A 383 -3.39 17.59 8.61
CA MET A 383 -3.55 18.59 7.55
C MET A 383 -4.83 18.25 6.77
N ASN A 384 -4.73 17.46 5.71
CA ASN A 384 -5.94 17.09 4.98
C ASN A 384 -6.31 15.63 5.15
N GLY A 385 -5.41 14.74 4.77
CA GLY A 385 -5.68 13.30 4.89
C GLY A 385 -4.90 12.55 3.82
N ILE A 386 -4.83 11.23 3.91
CA ILE A 386 -3.98 10.51 2.95
C ILE A 386 -4.58 10.58 1.56
N GLY A 387 -5.91 10.68 1.48
CA GLY A 387 -6.56 10.81 0.19
C GLY A 387 -6.32 9.58 -0.68
N GLY A 388 -6.05 9.83 -1.95
CA GLY A 388 -5.73 8.77 -2.89
C GLY A 388 -4.24 8.55 -3.06
N SER A 389 -3.41 9.21 -2.25
CA SER A 389 -1.96 9.15 -2.48
C SER A 389 -1.40 7.73 -2.26
N GLY A 390 -2.00 6.94 -1.39
CA GLY A 390 -1.57 5.57 -1.17
C GLY A 390 -2.02 4.68 -2.31
N ASP A 391 -3.30 4.86 -2.70
CA ASP A 391 -3.85 4.17 -3.86
C ASP A 391 -2.87 4.26 -5.03
N PHE A 392 -2.47 5.49 -5.34
CA PHE A 392 -1.62 5.71 -6.50
C PHE A 392 -0.16 5.44 -6.23
N ALA A 393 0.39 5.84 -5.09
CA ALA A 393 1.83 5.63 -4.90
C ALA A 393 2.18 4.15 -4.93
N ARG A 394 1.43 3.33 -4.22
CA ARG A 394 1.79 1.91 -4.17
C ARG A 394 1.54 1.16 -5.48
N SER A 395 0.53 1.56 -6.24
CA SER A 395 0.14 0.81 -7.43
CA SER A 395 0.20 0.75 -7.41
C SER A 395 0.79 1.28 -8.71
N SER A 396 1.37 2.47 -8.67
CA SER A 396 1.93 3.11 -9.86
C SER A 396 3.12 2.40 -10.46
N TYR A 397 3.35 2.68 -11.74
CA TYR A 397 4.58 2.25 -12.41
C TYR A 397 5.78 3.00 -11.88
N LEU A 398 5.56 4.27 -11.55
CA LEU A 398 6.59 5.15 -11.02
CA LEU A 398 6.59 5.11 -10.98
C LEU A 398 5.92 6.02 -9.97
N SER A 399 6.48 6.04 -8.76
CA SER A 399 5.93 6.84 -7.68
C SER A 399 6.84 8.00 -7.34
N ILE A 400 6.35 9.20 -7.57
CA ILE A 400 7.14 10.42 -7.47
C ILE A 400 6.55 11.35 -6.41
N PHE A 401 7.39 11.86 -5.52
CA PHE A 401 6.93 12.82 -4.51
C PHE A 401 7.64 14.14 -4.72
N LEU A 402 6.87 15.21 -4.67
CA LEU A 402 7.36 16.55 -5.02
C LEU A 402 7.04 17.54 -3.90
N SER A 403 8.02 18.36 -3.53
CA SER A 403 7.83 19.30 -2.42
C SER A 403 8.92 20.37 -2.42
N PRO A 404 8.56 21.59 -1.99
CA PRO A 404 9.62 22.52 -1.58
C PRO A 404 10.49 21.84 -0.53
N SER A 405 11.78 22.16 -0.53
CA SER A 405 12.70 21.50 0.41
C SER A 405 12.55 22.00 1.84
N THR A 406 11.87 23.14 2.00
CA THR A 406 11.60 23.73 3.30
C THR A 406 10.13 24.16 3.37
N ALA A 407 9.64 24.36 4.60
CA ALA A 407 8.30 24.89 4.84
C ALA A 407 8.38 26.03 5.84
N LYS A 408 7.26 26.72 5.99
CA LYS A 408 7.15 27.83 6.93
CA LYS A 408 7.15 27.83 6.93
C LYS A 408 8.32 28.81 6.81
N GLY A 409 8.57 29.29 5.60
CA GLY A 409 9.55 30.33 5.39
C GLY A 409 10.97 29.93 5.79
N GLY A 410 11.28 28.65 5.59
CA GLY A 410 12.60 28.11 5.86
C GLY A 410 12.79 27.56 7.26
N LYS A 411 11.77 27.68 8.11
CA LYS A 411 11.91 27.32 9.52
C LYS A 411 11.68 25.84 9.74
N ILE A 412 11.19 25.15 8.71
CA ILE A 412 11.06 23.70 8.77
C ILE A 412 11.78 23.09 7.59
N SER A 413 12.51 22.01 7.81
CA SER A 413 13.07 21.21 6.72
C SER A 413 12.08 20.15 6.27
N ALA A 414 11.81 20.05 4.98
CA ALA A 414 10.93 18.96 4.50
C ALA A 414 11.67 17.63 4.40
N ILE A 415 12.98 17.64 4.57
CA ILE A 415 13.75 16.40 4.72
C ILE A 415 14.24 16.35 6.16
N VAL A 416 13.87 15.28 6.88
CA VAL A 416 14.14 15.18 8.33
C VAL A 416 14.83 13.86 8.69
N PRO A 417 15.42 13.77 9.89
CA PRO A 417 16.07 12.51 10.31
C PRO A 417 15.08 11.33 10.26
N MET A 418 13.90 11.57 10.82
CA MET A 418 12.84 10.59 10.91
C MET A 418 11.54 11.35 10.72
N ALA A 419 10.65 10.83 9.88
CA ALA A 419 9.35 11.48 9.70
C ALA A 419 8.54 11.31 10.98
N ALA A 420 7.75 12.30 11.35
CA ALA A 420 7.01 12.20 12.60
C ALA A 420 5.76 11.30 12.50
N HIS A 421 5.35 11.04 11.27
CA HIS A 421 4.28 10.13 10.93
C HIS A 421 4.61 9.57 9.55
N VAL A 422 4.26 8.31 9.29
CA VAL A 422 4.49 7.73 7.97
C VAL A 422 3.17 7.38 7.29
N ASP A 423 3.02 7.88 6.06
CA ASP A 423 1.93 7.41 5.20
C ASP A 423 2.39 6.51 4.07
N HIS A 424 3.58 6.80 3.52
CA HIS A 424 4.11 6.01 2.42
C HIS A 424 5.47 5.49 2.78
N ILE A 425 5.57 4.18 2.91
CA ILE A 425 6.84 3.55 3.24
C ILE A 425 7.84 3.64 2.07
N MET A 426 9.12 3.40 2.38
CA MET A 426 10.19 3.45 1.36
C MET A 426 9.86 2.71 0.08
N GLN A 427 9.23 1.56 0.24
CA GLN A 427 8.87 0.70 -0.88
C GLN A 427 7.88 1.37 -1.84
N ASP A 428 7.23 2.45 -1.39
CA ASP A 428 6.18 3.11 -2.17
C ASP A 428 6.63 4.45 -2.76
N ALA A 429 7.93 4.74 -2.69
CA ALA A 429 8.46 6.04 -3.15
C ALA A 429 9.77 5.83 -3.88
N GLN A 430 9.81 6.12 -5.18
CA GLN A 430 11.03 5.91 -5.94
C GLN A 430 11.76 7.18 -6.34
N ILE A 431 11.02 8.26 -6.53
CA ILE A 431 11.62 9.50 -7.02
C ILE A 431 11.23 10.66 -6.12
N PHE A 432 12.20 11.49 -5.69
CA PHE A 432 11.87 12.70 -4.91
C PHE A 432 12.35 13.92 -5.64
N VAL A 433 11.53 14.97 -5.66
CA VAL A 433 11.93 16.21 -6.34
C VAL A 433 11.64 17.39 -5.44
N THR A 434 12.65 18.23 -5.25
CA THR A 434 12.49 19.53 -4.63
C THR A 434 13.10 20.58 -5.54
N GLU A 435 13.08 21.83 -5.11
CA GLU A 435 13.72 22.87 -5.92
C GLU A 435 15.25 22.77 -5.90
N GLN A 436 15.78 21.89 -5.05
CA GLN A 436 17.22 21.63 -5.00
C GLN A 436 17.70 20.57 -5.99
N GLY A 437 16.78 19.74 -6.48
CA GLY A 437 17.15 18.66 -7.36
C GLY A 437 16.27 17.43 -7.24
N LEU A 438 16.67 16.39 -7.95
CA LEU A 438 15.88 15.17 -8.07
C LEU A 438 16.69 13.98 -7.60
N ALA A 439 16.10 13.20 -6.70
CA ALA A 439 16.72 11.97 -6.23
C ALA A 439 16.02 10.77 -6.86
N ASP A 440 16.78 10.03 -7.66
CA ASP A 440 16.27 8.79 -8.29
C ASP A 440 16.77 7.63 -7.43
N LEU A 441 15.84 6.97 -6.73
CA LEU A 441 16.21 5.97 -5.73
C LEU A 441 16.10 4.53 -6.20
N ARG A 442 15.82 4.34 -7.49
CA ARG A 442 15.60 2.97 -7.98
C ARG A 442 16.85 2.11 -7.77
N GLY A 443 16.65 0.92 -7.23
CA GLY A 443 17.75 -0.01 -7.03
C GLY A 443 18.56 0.19 -5.75
N LEU A 444 18.17 1.15 -4.90
CA LEU A 444 19.00 1.51 -3.74
C LEU A 444 18.53 0.97 -2.39
N SER A 445 19.48 0.61 -1.53
CA SER A 445 19.18 0.29 -0.15
C SER A 445 18.87 1.57 0.64
N PRO A 446 18.35 1.45 1.88
CA PRO A 446 18.06 2.69 2.60
C PRO A 446 19.28 3.63 2.82
N VAL A 447 20.45 3.12 3.16
CA VAL A 447 21.58 3.99 3.31
C VAL A 447 21.93 4.68 1.97
N GLN A 448 21.78 3.95 0.86
CA GLN A 448 22.01 4.57 -0.43
C GLN A 448 20.93 5.62 -0.76
N ARG A 449 19.68 5.37 -0.35
CA ARG A 449 18.60 6.33 -0.54
C ARG A 449 18.94 7.63 0.20
N ALA A 450 19.47 7.48 1.42
CA ALA A 450 19.80 8.65 2.23
C ALA A 450 20.90 9.49 1.58
N ARG A 451 21.94 8.85 1.07
CA ARG A 451 22.97 9.62 0.37
C ARG A 451 22.39 10.43 -0.80
N GLU A 452 21.44 9.84 -1.53
CA GLU A 452 20.88 10.54 -2.66
C GLU A 452 19.91 11.63 -2.23
N ILE A 453 19.04 11.35 -1.26
CA ILE A 453 18.08 12.34 -0.80
C ILE A 453 18.81 13.54 -0.16
N ILE A 454 19.80 13.28 0.69
CA ILE A 454 20.51 14.38 1.33
C ILE A 454 21.25 15.21 0.28
N SER A 455 21.92 14.56 -0.66
CA SER A 455 22.71 15.31 -1.62
C SER A 455 21.86 16.04 -2.67
N LYS A 456 20.72 15.49 -3.05
CA LYS A 456 19.98 16.05 -4.18
C LYS A 456 18.81 16.92 -3.77
N CYS A 457 18.16 16.58 -2.67
CA CYS A 457 16.87 17.19 -2.34
C CYS A 457 16.88 18.14 -1.15
N ALA A 458 17.76 17.92 -0.17
CA ALA A 458 17.72 18.72 1.04
C ALA A 458 18.17 20.13 0.77
N HIS A 459 17.62 21.07 1.52
CA HIS A 459 18.05 22.46 1.44
C HIS A 459 19.47 22.62 2.00
N PRO A 460 20.29 23.48 1.38
CA PRO A 460 21.65 23.73 1.85
C PRO A 460 21.73 24.12 3.33
N ASP A 461 20.69 24.76 3.85
CA ASP A 461 20.70 25.18 5.26
C ASP A 461 20.56 23.99 6.23
N TYR A 462 20.04 22.87 5.74
CA TYR A 462 19.76 21.70 6.57
C TYR A 462 20.65 20.51 6.24
N ARG A 463 21.26 20.53 5.06
CA ARG A 463 22.03 19.37 4.65
C ARG A 463 23.17 18.99 5.64
N PRO A 464 23.96 19.96 6.13
CA PRO A 464 25.01 19.58 7.09
C PRO A 464 24.42 18.93 8.35
N MET A 465 23.29 19.43 8.85
CA MET A 465 22.65 18.80 10.01
C MET A 465 22.16 17.38 9.70
N LEU A 466 21.60 17.18 8.51
CA LEU A 466 21.15 15.86 8.10
C LEU A 466 22.34 14.92 7.97
N GLN A 467 23.41 15.40 7.34
CA GLN A 467 24.60 14.57 7.14
C GLN A 467 25.21 14.21 8.49
N ASP A 468 25.21 15.15 9.40
CA ASP A 468 25.73 14.90 10.74
C ASP A 468 24.90 13.82 11.47
N TYR A 469 23.58 13.94 11.42
CA TYR A 469 22.74 12.88 11.99
C TYR A 469 23.04 11.50 11.36
N PHE A 470 23.09 11.47 10.04
CA PHE A 470 23.36 10.24 9.33
C PHE A 470 24.73 9.64 9.70
N ASP A 471 25.75 10.47 9.71
CA ASP A 471 27.11 10.00 9.99
C ASP A 471 27.18 9.41 11.39
N ARG A 472 26.57 10.08 12.36
CA ARG A 472 26.69 9.57 13.72
C ARG A 472 25.78 8.37 13.92
N ALA A 473 24.65 8.33 13.23
CA ALA A 473 23.80 7.14 13.29
C ALA A 473 24.53 5.92 12.69
N LEU A 474 25.25 6.12 11.59
CA LEU A 474 26.03 5.04 10.98
CA LEU A 474 26.00 5.03 11.00
C LEU A 474 27.02 4.47 11.98
N LYS A 475 27.52 5.33 12.86
CA LYS A 475 28.51 4.89 13.84
C LYS A 475 27.91 4.26 15.10
N ASN A 476 26.68 4.63 15.44
CA ASN A 476 26.12 4.31 16.77
C ASN A 476 24.78 3.60 16.80
N SER A 477 24.12 3.49 15.66
CA SER A 477 22.78 2.91 15.65
C SER A 477 22.76 1.44 16.08
N PHE A 478 21.64 1.03 16.68
CA PHE A 478 21.45 -0.35 17.12
C PHE A 478 21.75 -1.36 16.00
N GLY A 479 21.15 -1.13 14.83
CA GLY A 479 21.54 -1.84 13.62
C GLY A 479 21.97 -0.83 12.57
N LYS A 480 22.69 -1.28 11.53
CA LYS A 480 23.16 -0.37 10.50
C LYS A 480 22.40 -0.45 9.17
N HIS A 481 21.29 -1.18 9.17
CA HIS A 481 20.50 -1.26 7.93
C HIS A 481 19.69 0.01 7.68
N THR A 482 19.04 0.54 8.71
CA THR A 482 18.40 1.82 8.60
CA THR A 482 18.41 1.86 8.60
C THR A 482 18.84 2.67 9.82
N PRO A 483 20.07 3.20 9.78
CA PRO A 483 20.63 3.80 11.00
C PRO A 483 19.86 4.94 11.60
N HIS A 484 19.62 4.88 12.91
CA HIS A 484 18.96 5.96 13.62
C HIS A 484 19.62 6.19 14.97
N LEU A 485 19.43 7.41 15.46
CA LEU A 485 19.76 7.79 16.84
C LEU A 485 18.46 8.15 17.53
N LEU A 486 17.93 7.24 18.33
CA LEU A 486 16.56 7.44 18.79
C LEU A 486 16.44 8.60 19.76
N THR A 487 17.54 8.96 20.40
CA THR A 487 17.56 10.11 21.28
C THR A 487 17.35 11.42 20.54
N GLU A 488 17.64 11.47 19.25
CA GLU A 488 17.44 12.72 18.55
C GLU A 488 16.64 12.62 17.27
N ALA A 489 16.13 11.44 16.94
CA ALA A 489 15.38 11.26 15.68
C ALA A 489 14.22 12.24 15.48
N LEU A 490 13.47 12.52 16.55
CA LEU A 490 12.31 13.41 16.49
C LEU A 490 12.60 14.78 17.06
N SER A 491 13.88 15.05 17.34
CA SER A 491 14.25 16.25 18.07
C SER A 491 14.12 17.52 17.23
N TRP A 492 14.15 17.41 15.91
CA TRP A 492 13.98 18.63 15.12
C TRP A 492 12.53 19.07 15.19
N HIS A 493 11.62 18.09 15.21
CA HIS A 493 10.20 18.39 15.40
C HIS A 493 9.93 19.00 16.76
N GLN A 494 10.51 18.42 17.81
CA GLN A 494 10.32 19.02 19.13
C GLN A 494 10.91 20.43 19.17
N ARG A 495 12.04 20.63 18.48
CA ARG A 495 12.65 21.97 18.43
C ARG A 495 11.69 22.97 17.80
N PHE A 496 10.98 22.53 16.76
CA PHE A 496 9.99 23.40 16.14
C PHE A 496 8.84 23.71 17.09
N ILE A 497 8.32 22.69 17.77
CA ILE A 497 7.23 22.87 18.73
C ILE A 497 7.62 23.90 19.78
N ASP A 498 8.86 23.79 20.26
CA ASP A 498 9.31 24.63 21.37
C ASP A 498 9.75 26.04 20.97
N THR A 499 10.32 26.19 19.77
CA THR A 499 10.99 27.45 19.38
C THR A 499 10.54 28.05 18.06
N GLY A 500 9.74 27.31 17.30
CA GLY A 500 9.26 27.79 16.02
C GLY A 500 10.25 27.65 14.87
N THR A 501 11.35 26.93 15.10
CA THR A 501 12.27 26.67 14.00
C THR A 501 13.02 25.35 14.22
N MET A 502 13.37 24.70 13.12
CA MET A 502 14.19 23.50 13.21
C MET A 502 15.68 23.83 13.20
N LEU A 503 16.00 25.10 12.92
CA LEU A 503 17.39 25.51 12.88
C LEU A 503 17.87 25.77 14.31
N PRO A 504 19.08 25.30 14.63
CA PRO A 504 19.55 25.43 16.00
C PRO A 504 20.04 26.84 16.28
N SER A 505 20.57 27.05 17.48
CA SER A 505 21.26 28.28 17.82
C SER A 505 22.71 27.96 18.12
N SER A 506 23.59 28.96 17.95
CA SER A 506 25.01 28.77 18.13
C SER A 506 25.45 29.00 19.58
N LEU A 507 24.48 29.05 20.49
CA LEU A 507 24.75 29.24 21.90
C LEU A 507 24.84 27.87 22.58
N GLU A 508 24.64 26.83 21.78
CA GLU A 508 24.74 25.44 22.22
C GLU A 508 25.51 24.64 21.19
N HIS A 509 26.03 23.48 21.58
CA HIS A 509 26.76 22.65 20.65
C HIS A 509 25.79 21.95 19.70
N HIS A 510 26.21 21.88 18.45
CA HIS A 510 25.56 21.04 17.45
C HIS A 510 26.69 20.47 16.60
N HIS A 511 26.61 19.17 16.32
CA HIS A 511 27.79 18.45 15.84
C HIS A 511 28.23 18.89 14.45
N HIS A 512 27.28 19.37 13.64
CA HIS A 512 27.57 19.82 12.28
C HIS A 512 28.27 21.19 12.29
N HIS A 513 28.19 21.89 13.42
CA HIS A 513 28.82 23.20 13.59
C HIS A 513 30.33 23.11 13.71
N HIS A 514 30.87 21.89 13.68
CA HIS A 514 32.28 21.68 14.01
C HIS A 514 32.96 20.60 13.17
N THR B 2 14.92 -42.67 -13.30
CA THR B 2 14.32 -42.05 -14.46
C THR B 2 15.00 -40.72 -14.79
N GLU B 3 15.51 -40.61 -16.03
CA GLU B 3 16.25 -39.44 -16.48
C GLU B 3 15.42 -38.16 -16.29
N ARG B 4 16.00 -37.19 -15.58
CA ARG B 4 15.29 -35.94 -15.30
C ARG B 4 15.35 -34.98 -16.46
N ILE B 5 16.41 -35.08 -17.25
CA ILE B 5 16.57 -34.24 -18.42
C ILE B 5 16.06 -35.00 -19.62
N ARG B 6 14.78 -34.80 -19.92
CA ARG B 6 14.09 -35.60 -20.94
C ARG B 6 14.27 -35.05 -22.34
N ASN B 7 14.82 -33.84 -22.44
CA ASN B 7 15.20 -33.30 -23.74
C ASN B 7 16.62 -33.73 -24.05
N VAL B 8 16.77 -34.56 -25.09
CA VAL B 8 18.05 -35.18 -25.37
C VAL B 8 19.13 -34.14 -25.68
N ALA B 9 18.77 -33.15 -26.49
CA ALA B 9 19.71 -32.14 -26.95
C ALA B 9 20.34 -31.39 -25.78
N LEU B 10 19.54 -31.13 -24.76
CA LEU B 10 20.01 -30.31 -23.63
C LEU B 10 20.99 -31.07 -22.76
N ARG B 11 21.01 -32.39 -22.86
CA ARG B 11 21.93 -33.17 -22.03
C ARG B 11 23.39 -32.84 -22.35
N SER B 12 23.63 -32.30 -23.54
CA SER B 12 24.99 -31.93 -23.90
C SER B 12 25.46 -30.67 -23.16
N LYS B 13 24.55 -30.00 -22.46
CA LYS B 13 24.91 -28.79 -21.71
C LYS B 13 25.27 -29.06 -20.25
N VAL B 14 25.24 -30.32 -19.85
CA VAL B 14 25.56 -30.68 -18.46
C VAL B 14 27.05 -30.46 -18.16
N CYS B 15 27.36 -29.78 -17.05
CA CYS B 15 28.75 -29.49 -16.69
C CYS B 15 28.89 -29.32 -15.18
N PRO B 16 30.14 -29.29 -14.66
CA PRO B 16 30.32 -29.17 -13.21
C PRO B 16 29.86 -27.84 -12.65
N ALA B 17 29.39 -27.88 -11.41
CA ALA B 17 28.98 -26.66 -10.72
C ALA B 17 30.11 -25.62 -10.70
N GLU B 18 31.35 -26.06 -10.50
CA GLU B 18 32.49 -25.14 -10.51
C GLU B 18 32.66 -24.43 -11.85
N THR B 19 32.63 -25.19 -12.93
CA THR B 19 32.72 -24.58 -14.25
C THR B 19 31.53 -23.65 -14.50
N ALA B 20 30.35 -24.10 -14.09
CA ALA B 20 29.15 -23.26 -14.25
C ALA B 20 29.28 -21.94 -13.49
N SER B 21 29.84 -21.97 -12.28
CA SER B 21 29.97 -20.76 -11.48
CA SER B 21 29.99 -20.76 -11.47
C SER B 21 30.90 -19.76 -12.17
N GLU B 22 31.80 -20.26 -13.01
CA GLU B 22 32.72 -19.39 -13.72
C GLU B 22 32.01 -18.49 -14.73
N LEU B 23 30.78 -18.84 -15.08
CA LEU B 23 29.94 -17.99 -15.94
C LEU B 23 29.51 -16.70 -15.27
N ILE B 24 29.61 -16.68 -13.94
CA ILE B 24 29.16 -15.57 -13.11
C ILE B 24 30.35 -14.67 -12.79
N LYS B 25 30.27 -13.42 -13.20
CA LYS B 25 31.40 -12.51 -13.14
C LYS B 25 31.19 -11.48 -12.03
N HIS B 26 32.28 -10.90 -11.54
CA HIS B 26 32.15 -9.82 -10.58
C HIS B 26 31.25 -8.72 -11.14
N GLY B 27 30.30 -8.27 -10.31
CA GLY B 27 29.39 -7.22 -10.70
C GLY B 27 28.06 -7.73 -11.24
N ASP B 28 27.98 -9.03 -11.54
CA ASP B 28 26.80 -9.60 -12.20
C ASP B 28 25.55 -9.47 -11.34
N VAL B 29 24.43 -9.27 -12.02
CA VAL B 29 23.13 -9.33 -11.38
C VAL B 29 22.59 -10.71 -11.67
N VAL B 30 22.29 -11.42 -10.60
CA VAL B 30 21.90 -12.82 -10.64
C VAL B 30 20.50 -12.98 -10.06
N GLY B 31 19.57 -13.45 -10.88
CA GLY B 31 18.23 -13.76 -10.42
C GLY B 31 18.13 -15.25 -10.16
N THR B 32 17.65 -15.62 -8.97
CA THR B 32 17.56 -17.05 -8.64
C THR B 32 16.16 -17.49 -8.25
N SER B 33 15.90 -18.79 -8.39
CA SER B 33 14.77 -19.41 -7.74
C SER B 33 14.97 -19.41 -6.22
N GLY B 34 13.89 -19.67 -5.49
CA GLY B 34 13.97 -19.73 -4.04
C GLY B 34 12.95 -18.84 -3.36
N PHE B 35 12.20 -19.43 -2.44
CA PHE B 35 11.13 -18.73 -1.74
C PHE B 35 10.90 -19.51 -0.47
N THR B 36 10.92 -18.83 0.67
CA THR B 36 10.78 -19.46 1.99
C THR B 36 11.49 -20.81 2.15
N GLY B 37 12.78 -20.84 1.81
CA GLY B 37 13.60 -22.01 2.06
C GLY B 37 13.34 -23.15 1.11
N ALA B 38 12.66 -22.84 0.01
CA ALA B 38 12.24 -23.86 -0.93
C ALA B 38 12.64 -23.51 -2.35
N GLY B 39 13.37 -24.42 -2.99
CA GLY B 39 13.53 -24.32 -4.43
C GLY B 39 14.62 -23.40 -4.93
N TYR B 40 15.50 -22.99 -4.02
CA TYR B 40 16.69 -22.21 -4.36
C TYR B 40 17.82 -23.09 -4.89
N PRO B 41 18.68 -22.54 -5.75
CA PRO B 41 19.84 -23.31 -6.19
C PRO B 41 20.83 -23.54 -5.04
N LYS B 42 21.63 -24.59 -5.15
CA LYS B 42 22.42 -25.05 -4.02
C LYS B 42 23.89 -25.26 -4.34
N GLU B 43 24.19 -25.96 -5.43
CA GLU B 43 25.56 -26.34 -5.68
C GLU B 43 26.37 -25.26 -6.38
N VAL B 44 25.76 -24.59 -7.35
CA VAL B 44 26.47 -23.49 -7.99
C VAL B 44 26.81 -22.34 -7.00
N PRO B 45 25.87 -21.97 -6.09
CA PRO B 45 26.26 -20.91 -5.14
C PRO B 45 27.45 -21.28 -4.25
N LYS B 46 27.52 -22.53 -3.87
CA LYS B 46 28.66 -22.97 -3.05
C LYS B 46 29.99 -22.87 -3.78
N ALA B 47 30.04 -23.35 -5.01
CA ALA B 47 31.27 -23.27 -5.79
C ALA B 47 31.65 -21.81 -6.06
N LEU B 48 30.64 -20.98 -6.28
CA LEU B 48 30.87 -19.56 -6.48
C LEU B 48 31.49 -18.95 -5.23
N ALA B 49 30.96 -19.33 -4.07
CA ALA B 49 31.39 -18.77 -2.79
C ALA B 49 32.86 -19.06 -2.53
N GLN B 50 33.28 -20.27 -2.89
CA GLN B 50 34.66 -20.65 -2.64
C GLN B 50 35.61 -19.87 -3.55
N ARG B 51 35.17 -19.67 -4.78
CA ARG B 51 35.99 -18.95 -5.73
C ARG B 51 36.05 -17.47 -5.38
N MET B 52 34.96 -16.94 -4.82
CA MET B 52 34.96 -15.58 -4.30
CA MET B 52 34.98 -15.58 -4.32
C MET B 52 35.98 -15.40 -3.19
N GLU B 53 35.97 -16.32 -2.24
CA GLU B 53 36.92 -16.25 -1.14
C GLU B 53 38.37 -16.27 -1.65
N ALA B 54 38.63 -17.08 -2.67
CA ALA B 54 39.99 -17.20 -3.18
C ALA B 54 40.39 -15.91 -3.88
N ALA B 55 39.45 -15.35 -4.63
CA ALA B 55 39.69 -14.10 -5.37
C ALA B 55 39.97 -12.95 -4.40
N HIS B 56 39.15 -12.85 -3.36
CA HIS B 56 39.35 -11.84 -2.33
C HIS B 56 40.74 -11.91 -1.70
N ASP B 57 41.20 -13.13 -1.44
CA ASP B 57 42.53 -13.36 -0.89
C ASP B 57 43.66 -12.88 -1.82
N ARG B 58 43.46 -13.05 -3.13
CA ARG B 58 44.43 -12.57 -4.11
C ARG B 58 44.26 -11.06 -4.35
N GLY B 59 43.24 -10.48 -3.72
CA GLY B 59 42.98 -9.06 -3.86
C GLY B 59 42.14 -8.70 -5.06
N GLU B 60 41.38 -9.67 -5.58
CA GLU B 60 40.43 -9.43 -6.67
C GLU B 60 39.02 -9.22 -6.13
N LYS B 61 38.38 -8.15 -6.56
CA LYS B 61 36.97 -7.93 -6.21
C LYS B 61 36.12 -9.02 -6.86
N TYR B 62 35.12 -9.52 -6.12
CA TYR B 62 34.22 -10.53 -6.66
C TYR B 62 32.92 -10.56 -5.84
N GLN B 63 31.95 -9.79 -6.29
CA GLN B 63 30.65 -9.75 -5.63
C GLN B 63 29.54 -9.73 -6.69
N ILE B 64 28.36 -10.17 -6.29
CA ILE B 64 27.20 -10.11 -7.17
C ILE B 64 26.02 -9.42 -6.50
N SER B 65 25.05 -9.03 -7.32
CA SER B 65 23.74 -8.66 -6.82
CA SER B 65 23.72 -8.65 -6.86
C SER B 65 22.86 -9.90 -6.88
N LEU B 66 22.20 -10.21 -5.78
CA LEU B 66 21.42 -11.43 -5.67
C LEU B 66 19.94 -11.07 -5.51
N ILE B 67 19.16 -11.35 -6.54
CA ILE B 67 17.71 -11.08 -6.55
C ILE B 67 17.01 -12.42 -6.56
N THR B 68 16.05 -12.62 -5.67
CA THR B 68 15.46 -13.95 -5.50
C THR B 68 13.94 -13.88 -5.64
N GLY B 69 13.25 -14.98 -5.36
CA GLY B 69 11.82 -14.92 -5.08
C GLY B 69 11.58 -14.33 -3.70
N ALA B 70 12.03 -15.07 -2.69
CA ALA B 70 12.08 -14.52 -1.34
C ALA B 70 13.25 -15.17 -0.63
N SER B 71 13.07 -15.71 0.57
CA SER B 71 14.23 -16.21 1.32
C SER B 71 14.76 -17.50 0.71
N THR B 72 16.02 -17.82 0.96
CA THR B 72 16.59 -19.04 0.36
C THR B 72 17.04 -19.99 1.49
N GLY B 73 18.34 -20.23 1.62
CA GLY B 73 18.82 -21.17 2.60
C GLY B 73 20.32 -21.06 2.78
N PRO B 74 20.87 -21.93 3.62
CA PRO B 74 22.30 -21.90 3.95
C PRO B 74 23.21 -22.05 2.74
N GLN B 75 22.79 -22.87 1.76
CA GLN B 75 23.64 -23.14 0.60
C GLN B 75 23.75 -21.96 -0.34
N LEU B 76 22.79 -21.03 -0.25
CA LEU B 76 22.79 -19.84 -1.09
C LEU B 76 23.13 -18.60 -0.25
N ASP B 77 22.13 -18.06 0.45
CA ASP B 77 22.37 -16.86 1.27
C ASP B 77 23.47 -17.10 2.28
N GLY B 78 23.45 -18.26 2.92
CA GLY B 78 24.46 -18.58 3.92
C GLY B 78 25.88 -18.62 3.38
N GLU B 79 26.12 -19.42 2.33
CA GLU B 79 27.46 -19.52 1.77
C GLU B 79 27.96 -18.21 1.19
N LEU B 80 27.11 -17.53 0.43
CA LEU B 80 27.57 -16.30 -0.19
C LEU B 80 27.86 -15.20 0.84
N ALA B 81 27.09 -15.16 1.92
CA ALA B 81 27.31 -14.17 2.97
C ALA B 81 28.62 -14.46 3.68
N LYS B 82 28.91 -15.73 3.90
CA LYS B 82 30.17 -16.10 4.53
C LYS B 82 31.36 -15.65 3.69
N ALA B 83 31.23 -15.76 2.39
CA ALA B 83 32.28 -15.35 1.45
C ALA B 83 32.32 -13.84 1.24
N ASN B 84 31.42 -13.11 1.88
CA ASN B 84 31.32 -11.68 1.62
C ASN B 84 31.14 -11.42 0.12
N GLY B 85 30.27 -12.19 -0.51
CA GLY B 85 30.16 -12.16 -1.96
C GLY B 85 28.94 -11.46 -2.54
N VAL B 86 28.13 -10.82 -1.70
CA VAL B 86 26.90 -10.17 -2.17
C VAL B 86 26.92 -8.68 -1.88
N TYR B 87 26.91 -7.85 -2.92
CA TYR B 87 26.94 -6.44 -2.63
C TYR B 87 25.53 -5.87 -2.49
N PHE B 88 24.55 -6.47 -3.16
CA PHE B 88 23.16 -6.04 -3.05
C PHE B 88 22.25 -7.27 -3.01
N ARG B 89 21.23 -7.23 -2.15
CA ARG B 89 20.31 -8.35 -1.94
C ARG B 89 18.86 -7.85 -1.96
N SER B 90 17.97 -8.55 -2.66
CA SER B 90 16.56 -8.22 -2.65
C SER B 90 15.79 -9.49 -3.06
N PRO B 91 14.57 -9.69 -2.55
CA PRO B 91 13.77 -8.80 -1.70
C PRO B 91 13.57 -9.28 -0.28
N PHE B 92 14.05 -10.45 0.07
CA PHE B 92 13.65 -11.03 1.35
C PHE B 92 14.65 -12.07 1.75
N ASN B 93 15.11 -11.97 2.99
CA ASN B 93 16.12 -12.90 3.53
C ASN B 93 15.75 -13.37 4.92
N THR B 94 16.03 -14.64 5.22
CA THR B 94 15.93 -15.10 6.61
C THR B 94 17.19 -15.79 7.11
N ASP B 95 18.25 -15.82 6.30
CA ASP B 95 19.49 -16.46 6.71
C ASP B 95 20.25 -15.60 7.72
N ALA B 96 20.78 -16.22 8.77
CA ALA B 96 21.38 -15.44 9.85
C ALA B 96 22.70 -14.78 9.44
N THR B 97 23.50 -15.46 8.63
CA THR B 97 24.77 -14.90 8.17
C THR B 97 24.53 -13.70 7.24
N MET B 98 23.59 -13.84 6.30
CA MET B 98 23.22 -12.73 5.44
C MET B 98 22.59 -11.58 6.24
N ARG B 99 21.76 -11.91 7.23
CA ARG B 99 21.17 -10.87 8.08
C ARG B 99 22.26 -10.08 8.79
N ASN B 100 23.30 -10.78 9.25
CA ASN B 100 24.38 -10.09 9.92
C ASN B 100 25.15 -9.17 8.97
N ARG B 101 25.35 -9.62 7.72
CA ARG B 101 25.99 -8.79 6.70
C ARG B 101 25.14 -7.53 6.45
N ILE B 102 23.84 -7.72 6.37
CA ILE B 102 22.95 -6.59 6.14
C ILE B 102 22.99 -5.61 7.32
N ASN B 103 22.94 -6.14 8.55
CA ASN B 103 22.88 -5.25 9.69
C ASN B 103 24.23 -4.64 10.06
N ALA B 104 25.31 -5.12 9.44
CA ALA B 104 26.64 -4.54 9.60
C ALA B 104 26.94 -3.53 8.49
N GLY B 105 26.06 -3.47 7.51
CA GLY B 105 26.25 -2.59 6.37
C GLY B 105 27.19 -3.14 5.30
N GLU B 106 27.42 -4.45 5.32
CA GLU B 106 28.35 -5.09 4.39
C GLU B 106 27.63 -5.56 3.12
N THR B 107 26.33 -5.79 3.21
CA THR B 107 25.50 -6.09 2.06
C THR B 107 24.36 -5.09 2.02
N GLU B 108 24.15 -4.45 0.87
CA GLU B 108 23.03 -3.54 0.69
C GLU B 108 21.75 -4.34 0.48
N TYR B 109 20.65 -3.90 1.09
CA TYR B 109 19.41 -4.67 1.07
C TYR B 109 18.23 -3.77 0.85
N PHE B 110 17.32 -4.19 -0.03
CA PHE B 110 16.02 -3.52 -0.08
C PHE B 110 14.91 -4.57 -0.11
N ASP B 111 14.03 -4.49 0.87
CA ASP B 111 12.94 -5.46 0.94
C ASP B 111 11.67 -4.99 0.23
N ASN B 112 11.64 -5.23 -1.08
CA ASN B 112 10.46 -4.87 -1.88
C ASN B 112 9.24 -5.68 -1.52
N HIS B 113 8.06 -5.10 -1.75
CA HIS B 113 6.83 -5.88 -1.77
C HIS B 113 7.01 -7.08 -2.71
N LEU B 114 6.73 -8.28 -2.23
CA LEU B 114 7.07 -9.46 -3.03
C LEU B 114 6.33 -9.54 -4.38
N GLY B 115 5.09 -9.06 -4.41
CA GLY B 115 4.32 -9.09 -5.66
C GLY B 115 4.79 -8.08 -6.71
N GLN B 116 5.67 -7.17 -6.31
CA GLN B 116 6.14 -6.13 -7.20
C GLN B 116 7.52 -6.41 -7.80
N VAL B 117 8.23 -7.38 -7.25
CA VAL B 117 9.63 -7.58 -7.61
C VAL B 117 9.79 -7.89 -9.10
N ALA B 118 8.95 -8.77 -9.64
CA ALA B 118 9.08 -9.08 -11.08
C ALA B 118 8.91 -7.83 -11.95
N GLY B 119 7.92 -7.00 -11.66
CA GLY B 119 7.67 -5.80 -12.43
C GLY B 119 8.83 -4.82 -12.33
N ARG B 120 9.41 -4.69 -11.14
CA ARG B 120 10.56 -3.80 -11.03
C ARG B 120 11.81 -4.34 -11.73
N ALA B 121 11.95 -5.66 -11.73
CA ALA B 121 13.03 -6.30 -12.45
C ALA B 121 12.90 -6.02 -13.95
N VAL B 122 11.68 -6.15 -14.47
CA VAL B 122 11.45 -5.88 -15.90
C VAL B 122 11.67 -4.40 -16.23
N GLN B 123 11.29 -3.51 -15.31
CA GLN B 123 11.56 -2.09 -15.45
C GLN B 123 13.02 -1.72 -15.46
N GLY B 124 13.86 -2.60 -14.89
CA GLY B 124 15.28 -2.39 -14.85
C GLY B 124 15.85 -1.87 -13.54
N ASN B 125 15.04 -1.89 -12.48
CA ASN B 125 15.46 -1.26 -11.21
C ASN B 125 16.70 -1.93 -10.63
N TYR B 126 16.88 -3.22 -10.89
CA TYR B 126 18.02 -3.95 -10.34
C TYR B 126 19.19 -4.02 -11.31
N GLY B 127 19.01 -3.41 -12.47
CA GLY B 127 20.01 -3.48 -13.53
C GLY B 127 19.68 -4.61 -14.48
N LYS B 128 20.56 -4.79 -15.46
CA LYS B 128 20.42 -5.87 -16.43
C LYS B 128 20.74 -7.20 -15.75
N PHE B 129 19.88 -8.21 -15.95
CA PHE B 129 20.15 -9.54 -15.42
C PHE B 129 21.17 -10.28 -16.27
N ASN B 130 22.34 -10.52 -15.68
CA ASN B 130 23.37 -11.27 -16.40
C ASN B 130 23.10 -12.78 -16.38
N ILE B 131 22.53 -13.24 -15.28
CA ILE B 131 22.39 -14.67 -15.02
C ILE B 131 21.04 -14.97 -14.39
N ALA B 132 20.38 -16.04 -14.84
CA ALA B 132 19.29 -16.65 -14.07
C ALA B 132 19.77 -18.03 -13.63
N LEU B 133 19.62 -18.33 -12.36
CA LEU B 133 20.08 -19.58 -11.78
C LEU B 133 18.87 -20.22 -11.11
N VAL B 134 18.31 -21.23 -11.77
CA VAL B 134 17.01 -21.77 -11.40
C VAL B 134 17.08 -23.26 -11.12
N GLU B 135 16.53 -23.68 -9.99
CA GLU B 135 16.49 -25.10 -9.63
C GLU B 135 15.27 -25.76 -10.29
N ALA B 136 15.49 -26.96 -10.81
CA ALA B 136 14.45 -27.68 -11.53
C ALA B 136 14.30 -29.11 -11.03
N THR B 137 13.08 -29.60 -11.08
CA THR B 137 12.76 -31.02 -10.84
C THR B 137 13.14 -31.84 -12.08
N ALA B 138 12.91 -31.26 -13.24
CA ALA B 138 13.03 -31.98 -14.51
C ALA B 138 13.01 -31.01 -15.68
N ILE B 139 13.46 -31.49 -16.84
CA ILE B 139 13.37 -30.72 -18.06
C ILE B 139 12.58 -31.58 -19.02
N THR B 140 11.46 -31.09 -19.50
CA THR B 140 10.58 -31.91 -20.33
C THR B 140 11.15 -32.09 -21.74
N GLU B 141 10.55 -33.00 -22.49
CA GLU B 141 11.00 -33.30 -23.86
C GLU B 141 10.99 -32.07 -24.76
N ASP B 142 10.08 -31.14 -24.52
CA ASP B 142 10.00 -29.94 -25.33
C ASP B 142 10.79 -28.77 -24.74
N GLY B 143 11.53 -29.06 -23.66
CA GLY B 143 12.46 -28.09 -23.11
C GLY B 143 11.86 -27.20 -22.04
N GLY B 144 10.71 -27.60 -21.50
CA GLY B 144 10.10 -26.85 -20.42
C GLY B 144 10.85 -27.15 -19.14
N ILE B 145 10.97 -26.15 -18.28
CA ILE B 145 11.64 -26.31 -16.98
C ILE B 145 10.57 -26.53 -15.92
N VAL B 146 10.58 -27.70 -15.29
CA VAL B 146 9.63 -27.98 -14.22
C VAL B 146 10.22 -27.43 -12.91
N PRO B 147 9.53 -26.46 -12.26
CA PRO B 147 10.06 -25.92 -10.99
C PRO B 147 10.05 -26.96 -9.89
N THR B 148 10.60 -26.58 -8.75
CA THR B 148 10.62 -27.53 -7.64
C THR B 148 9.58 -27.11 -6.58
N SER B 149 10.02 -26.80 -5.36
CA SER B 149 9.06 -26.53 -4.29
C SER B 149 8.56 -25.08 -4.21
N SER B 150 8.94 -24.25 -5.17
CA SER B 150 8.40 -22.91 -5.26
C SER B 150 8.43 -22.48 -6.71
N VAL B 151 7.65 -21.44 -7.02
CA VAL B 151 7.71 -20.80 -8.33
C VAL B 151 8.42 -19.45 -8.20
N GLY B 152 7.99 -18.64 -7.24
CA GLY B 152 8.61 -17.34 -7.04
C GLY B 152 8.61 -16.48 -8.29
N ASN B 153 9.80 -15.94 -8.59
CA ASN B 153 10.02 -15.03 -9.73
C ASN B 153 10.72 -15.71 -10.89
N SER B 154 10.84 -17.03 -10.83
CA SER B 154 11.68 -17.75 -11.80
C SER B 154 11.35 -17.49 -13.26
N GLN B 155 10.07 -17.32 -13.59
CA GLN B 155 9.74 -17.13 -15.00
C GLN B 155 10.25 -15.79 -15.49
N THR B 156 10.14 -14.78 -14.63
CA THR B 156 10.63 -13.46 -14.99
C THR B 156 12.15 -13.45 -15.12
N PHE B 157 12.85 -14.10 -14.20
CA PHE B 157 14.31 -14.11 -14.28
C PHE B 157 14.79 -14.84 -15.53
N LEU B 158 14.11 -15.92 -15.89
CA LEU B 158 14.45 -16.63 -17.12
C LEU B 158 14.23 -15.74 -18.35
N ASN B 159 13.14 -14.96 -18.34
CA ASN B 159 12.88 -14.03 -19.44
C ASN B 159 13.98 -12.97 -19.60
N LEU B 160 14.42 -12.41 -18.47
CA LEU B 160 15.31 -11.28 -18.48
C LEU B 160 16.79 -11.62 -18.65
N ALA B 161 17.21 -12.78 -18.19
CA ALA B 161 18.65 -13.03 -18.06
C ALA B 161 19.35 -13.28 -19.37
N GLU B 162 20.60 -12.83 -19.46
CA GLU B 162 21.40 -13.08 -20.66
C GLU B 162 21.76 -14.55 -20.80
N LYS B 163 22.21 -15.15 -19.70
CA LYS B 163 22.56 -16.55 -19.67
C LYS B 163 21.79 -17.24 -18.56
N VAL B 164 21.45 -18.49 -18.81
CA VAL B 164 20.67 -19.28 -17.86
C VAL B 164 21.47 -20.49 -17.39
N ILE B 165 21.50 -20.70 -16.08
CA ILE B 165 22.03 -21.92 -15.50
C ILE B 165 20.90 -22.66 -14.78
N ILE B 166 20.72 -23.93 -15.09
CA ILE B 166 19.68 -24.74 -14.46
C ILE B 166 20.35 -25.78 -13.57
N GLU B 167 19.94 -25.85 -12.30
CA GLU B 167 20.35 -26.94 -11.42
C GLU B 167 19.23 -27.97 -11.40
N VAL B 168 19.48 -29.17 -11.90
CA VAL B 168 18.46 -30.21 -11.83
C VAL B 168 18.70 -31.08 -10.61
N ASN B 169 17.81 -30.94 -9.62
CA ASN B 169 18.02 -31.51 -8.30
C ASN B 169 17.28 -32.81 -8.08
N GLU B 170 18.00 -33.92 -8.09
CA GLU B 170 17.39 -35.24 -7.98
C GLU B 170 16.76 -35.45 -6.60
N TRP B 171 17.13 -34.60 -5.64
CA TRP B 171 16.52 -34.68 -4.32
C TRP B 171 15.03 -34.31 -4.38
N GLN B 172 14.68 -33.39 -5.28
CA GLN B 172 13.30 -32.94 -5.43
C GLN B 172 12.43 -34.00 -6.06
N ASN B 173 11.19 -34.10 -5.56
CA ASN B 173 10.25 -35.14 -5.98
C ASN B 173 9.77 -35.01 -7.42
N PRO B 174 9.98 -36.04 -8.26
CA PRO B 174 9.46 -35.96 -9.63
C PRO B 174 7.97 -35.67 -9.73
N MET B 175 7.18 -36.04 -8.71
CA MET B 175 5.73 -35.81 -8.76
C MET B 175 5.30 -34.36 -8.50
N LEU B 176 6.27 -33.47 -8.31
CA LEU B 176 5.95 -32.04 -8.25
C LEU B 176 5.44 -31.59 -9.62
N GLU B 177 5.86 -32.30 -10.66
CA GLU B 177 5.46 -31.94 -12.01
C GLU B 177 3.95 -32.00 -12.15
N GLY B 178 3.34 -30.87 -12.45
CA GLY B 178 1.90 -30.76 -12.53
C GLY B 178 1.29 -29.88 -11.47
N ILE B 179 2.04 -29.60 -10.41
CA ILE B 179 1.48 -28.82 -9.31
C ILE B 179 1.52 -27.32 -9.58
N HIS B 180 2.38 -26.89 -10.49
CA HIS B 180 2.57 -25.46 -10.73
C HIS B 180 1.62 -24.93 -11.80
N ASP B 181 1.31 -23.64 -11.69
CA ASP B 181 0.51 -22.94 -12.70
C ASP B 181 1.27 -21.68 -13.12
N ILE B 182 1.81 -21.72 -14.35
CA ILE B 182 2.66 -20.65 -14.85
C ILE B 182 1.92 -19.99 -16.00
N TRP B 183 1.57 -18.72 -15.83
CA TRP B 183 0.73 -18.00 -16.81
C TRP B 183 1.56 -17.33 -17.90
N ASP B 184 1.05 -17.41 -19.12
CA ASP B 184 1.69 -16.79 -20.28
C ASP B 184 1.48 -15.28 -20.39
N GLY B 185 0.54 -14.74 -19.61
CA GLY B 185 0.11 -13.37 -19.83
C GLY B 185 0.99 -12.32 -19.20
N ASN B 186 0.67 -11.05 -19.50
CA ASN B 186 1.42 -9.91 -19.01
C ASN B 186 0.93 -9.41 -17.65
N VAL B 187 1.53 -9.94 -16.58
CA VAL B 187 1.27 -9.48 -15.20
C VAL B 187 2.24 -8.41 -14.76
N SER B 188 3.48 -8.54 -15.19
CA SER B 188 4.55 -7.72 -14.67
C SER B 188 5.42 -7.12 -15.76
N GLY B 189 4.89 -7.12 -16.99
CA GLY B 189 5.63 -6.60 -18.12
C GLY B 189 5.32 -5.15 -18.41
N VAL B 190 5.55 -4.74 -19.66
CA VAL B 190 5.36 -3.36 -20.04
C VAL B 190 3.86 -3.02 -20.07
N PRO B 191 3.47 -1.87 -19.49
CA PRO B 191 2.06 -1.50 -19.60
C PRO B 191 1.63 -1.20 -21.05
N THR B 192 0.35 -1.35 -21.39
CA THR B 192 -0.71 -1.80 -20.51
C THR B 192 -0.67 -3.30 -20.26
N ARG B 193 -0.79 -3.70 -19.00
CA ARG B 193 -0.80 -5.12 -18.68
C ARG B 193 -2.12 -5.80 -19.00
N ASP B 194 -2.09 -7.14 -18.96
CA ASP B 194 -3.29 -7.93 -19.23
C ASP B 194 -4.20 -8.00 -18.02
N ILE B 195 -5.50 -8.17 -18.26
CA ILE B 195 -6.39 -8.61 -17.19
C ILE B 195 -6.03 -10.04 -16.78
N VAL B 196 -5.83 -10.25 -15.47
CA VAL B 196 -5.58 -11.59 -14.95
C VAL B 196 -6.93 -12.23 -14.62
N PRO B 197 -7.29 -13.30 -15.32
CA PRO B 197 -8.67 -13.80 -15.28
C PRO B 197 -8.97 -14.72 -14.09
N ILE B 198 -8.25 -14.58 -12.98
CA ILE B 198 -8.51 -15.43 -11.84
C ILE B 198 -9.67 -14.89 -11.02
N VAL B 199 -10.75 -15.66 -10.92
CA VAL B 199 -11.93 -15.22 -10.16
C VAL B 199 -12.30 -16.18 -9.05
N ARG B 200 -11.53 -17.25 -8.91
CA ARG B 200 -11.65 -18.18 -7.80
CA ARG B 200 -11.64 -18.14 -7.78
C ARG B 200 -10.25 -18.63 -7.37
N ALA B 201 -10.06 -18.85 -6.07
CA ALA B 201 -8.72 -19.17 -5.58
C ALA B 201 -8.15 -20.48 -6.15
N ASP B 202 -9.03 -21.37 -6.61
CA ASP B 202 -8.59 -22.67 -7.11
C ASP B 202 -8.47 -22.75 -8.64
N GLN B 203 -8.56 -21.62 -9.31
CA GLN B 203 -8.58 -21.61 -10.77
C GLN B 203 -7.18 -21.64 -11.38
N ARG B 204 -6.93 -22.62 -12.24
CA ARG B 204 -5.68 -22.66 -12.99
C ARG B 204 -5.83 -21.92 -14.32
N VAL B 205 -4.87 -21.08 -14.66
CA VAL B 205 -4.95 -20.30 -15.89
C VAL B 205 -3.75 -20.50 -16.82
N GLY B 206 -2.81 -21.35 -16.42
CA GLY B 206 -1.58 -21.48 -17.16
C GLY B 206 -1.14 -22.92 -17.41
N GLY B 207 0.17 -23.12 -17.41
CA GLY B 207 0.76 -24.41 -17.69
C GLY B 207 1.73 -24.86 -16.62
N PRO B 208 2.23 -26.09 -16.73
CA PRO B 208 3.05 -26.69 -15.67
C PRO B 208 4.53 -26.35 -15.72
N VAL B 209 4.97 -25.64 -16.75
CA VAL B 209 6.40 -25.44 -16.91
C VAL B 209 6.80 -23.97 -17.08
N LEU B 210 8.00 -23.65 -16.65
CA LEU B 210 8.65 -22.42 -17.04
C LEU B 210 9.16 -22.54 -18.46
N ARG B 211 9.06 -21.44 -19.20
CA ARG B 211 9.50 -21.44 -20.57
C ARG B 211 10.80 -20.65 -20.72
N VAL B 212 11.72 -21.20 -21.50
CA VAL B 212 12.96 -20.52 -21.77
C VAL B 212 13.50 -20.94 -23.12
N ASN B 213 14.07 -19.97 -23.83
CA ASN B 213 14.77 -20.29 -25.08
C ASN B 213 16.00 -21.15 -24.76
N PRO B 214 16.08 -22.37 -25.34
CA PRO B 214 17.21 -23.26 -25.03
C PRO B 214 18.57 -22.67 -25.38
N ASP B 215 18.61 -21.75 -26.34
CA ASP B 215 19.87 -21.12 -26.72
C ASP B 215 20.46 -20.24 -25.60
N LYS B 216 19.62 -19.82 -24.65
CA LYS B 216 20.13 -19.06 -23.49
C LYS B 216 20.70 -19.95 -22.40
N ILE B 217 20.45 -21.24 -22.45
CA ILE B 217 20.97 -22.11 -21.41
C ILE B 217 22.45 -22.40 -21.62
N ALA B 218 23.26 -21.84 -20.73
CA ALA B 218 24.72 -21.92 -20.84
C ALA B 218 25.27 -23.12 -20.09
N ALA B 219 24.49 -23.65 -19.15
CA ALA B 219 24.93 -24.77 -18.34
C ALA B 219 23.76 -25.42 -17.60
N ILE B 220 23.84 -26.73 -17.47
CA ILE B 220 22.93 -27.50 -16.63
C ILE B 220 23.78 -28.29 -15.63
N VAL B 221 23.43 -28.19 -14.36
CA VAL B 221 24.21 -28.82 -13.31
C VAL B 221 23.36 -29.86 -12.60
N ARG B 222 23.82 -31.10 -12.57
CA ARG B 222 23.12 -32.13 -11.84
C ARG B 222 23.45 -32.03 -10.36
N THR B 223 22.43 -31.84 -9.54
CA THR B 223 22.65 -31.65 -8.13
C THR B 223 21.85 -32.64 -7.31
N ASN B 224 22.18 -32.70 -6.03
CA ASN B 224 21.54 -33.60 -5.10
C ASN B 224 21.67 -33.07 -3.68
N ASP B 225 20.74 -32.21 -3.28
CA ASP B 225 20.85 -31.58 -1.97
C ASP B 225 19.49 -31.10 -1.50
N ARG B 226 19.34 -30.99 -0.18
CA ARG B 226 18.04 -30.77 0.46
C ARG B 226 17.63 -29.30 0.62
N ASP B 227 16.34 -29.03 0.47
CA ASP B 227 15.76 -27.78 0.95
C ASP B 227 15.88 -27.82 2.45
N ARG B 228 16.01 -26.67 3.08
CA ARG B 228 16.10 -26.73 4.52
C ARG B 228 15.40 -25.54 5.09
N ASN B 229 14.45 -25.83 5.98
CA ASN B 229 13.71 -24.82 6.71
C ASN B 229 13.74 -25.14 8.21
N ALA B 230 13.56 -24.13 9.03
CA ALA B 230 13.43 -24.35 10.46
C ALA B 230 12.06 -24.96 10.76
N PRO B 231 11.94 -25.72 11.85
CA PRO B 231 10.59 -26.16 12.21
C PRO B 231 9.83 -25.02 12.84
N PHE B 232 8.53 -25.21 13.05
CA PHE B 232 7.72 -24.21 13.71
C PHE B 232 7.60 -24.55 15.17
N ALA B 233 7.42 -23.50 15.99
CA ALA B 233 7.20 -23.72 17.41
C ALA B 233 5.85 -24.42 17.56
N ALA B 234 5.85 -25.53 18.32
CA ALA B 234 4.59 -26.16 18.67
C ALA B 234 3.84 -25.09 19.42
N PRO B 235 2.58 -24.87 19.06
CA PRO B 235 1.84 -23.77 19.68
C PRO B 235 1.83 -23.86 21.22
N ASP B 236 2.35 -22.82 21.85
CA ASP B 236 2.38 -22.72 23.31
C ASP B 236 1.14 -21.99 23.80
N GLU B 237 1.06 -21.73 25.12
CA GLU B 237 -0.15 -21.11 25.67
C GLU B 237 -0.41 -19.74 25.04
N THR B 238 0.64 -19.00 24.73
CA THR B 238 0.46 -17.69 24.12
C THR B 238 -0.15 -17.81 22.72
N ALA B 239 0.41 -18.67 21.88
CA ALA B 239 -0.11 -18.80 20.52
C ALA B 239 -1.52 -19.41 20.53
N LYS B 240 -1.75 -20.35 21.44
CA LYS B 240 -3.07 -20.96 21.50
C LYS B 240 -4.11 -19.93 21.94
N ALA B 241 -3.74 -19.05 22.87
CA ALA B 241 -4.65 -17.99 23.28
C ALA B 241 -4.96 -17.07 22.09
N ILE B 242 -3.94 -16.70 21.33
CA ILE B 242 -4.15 -15.86 20.14
C ILE B 242 -5.10 -16.55 19.16
N ALA B 243 -4.86 -17.82 18.87
CA ALA B 243 -5.74 -18.55 17.94
C ALA B 243 -7.18 -18.59 18.47
N GLY B 244 -7.34 -18.78 19.78
CA GLY B 244 -8.67 -18.83 20.38
C GLY B 244 -9.47 -17.54 20.19
N TYR B 245 -8.82 -16.41 20.45
CA TYR B 245 -9.48 -15.12 20.25
C TYR B 245 -9.86 -14.90 18.79
N LEU B 246 -8.97 -15.28 17.87
CA LEU B 246 -9.27 -15.08 16.45
C LEU B 246 -10.40 -16.00 15.97
N LEU B 247 -10.42 -17.24 16.43
CA LEU B 247 -11.48 -18.15 16.00
C LEU B 247 -12.82 -17.69 16.54
N ASP B 248 -12.83 -17.20 17.78
CA ASP B 248 -14.05 -16.64 18.35
C ASP B 248 -14.54 -15.46 17.51
N PHE B 249 -13.59 -14.61 17.10
CA PHE B 249 -13.88 -13.46 16.27
C PHE B 249 -14.51 -13.89 14.96
N PHE B 250 -13.89 -14.84 14.27
CA PHE B 250 -14.44 -15.34 13.00
C PHE B 250 -15.86 -15.87 13.22
N GLY B 251 -16.06 -16.59 14.33
CA GLY B 251 -17.36 -17.14 14.64
C GLY B 251 -18.42 -16.05 14.76
N HIS B 252 -18.06 -14.96 15.43
CA HIS B 252 -18.98 -13.85 15.58
C HIS B 252 -19.28 -13.18 14.24
N GLU B 253 -18.25 -12.98 13.42
CA GLU B 253 -18.45 -12.45 12.08
C GLU B 253 -19.43 -13.30 11.28
N VAL B 254 -19.30 -14.63 11.35
CA VAL B 254 -20.21 -15.50 10.62
C VAL B 254 -21.62 -15.36 11.17
N LYS B 255 -21.76 -15.27 12.49
CA LYS B 255 -23.11 -15.19 13.08
C LYS B 255 -23.79 -13.86 12.74
N GLN B 256 -23.00 -12.82 12.54
CA GLN B 256 -23.54 -11.52 12.15
C GLN B 256 -23.65 -11.40 10.63
N ASN B 257 -23.39 -12.51 9.94
CA ASN B 257 -23.42 -12.58 8.48
C ASN B 257 -22.47 -11.57 7.82
N ARG B 258 -21.31 -11.33 8.43
CA ARG B 258 -20.29 -10.48 7.81
C ARG B 258 -19.19 -11.32 7.17
N LEU B 259 -19.27 -12.63 7.36
CA LEU B 259 -18.46 -13.60 6.62
C LEU B 259 -19.29 -14.80 6.31
N PRO B 260 -19.04 -15.45 5.17
CA PRO B 260 -19.69 -16.75 4.89
C PRO B 260 -19.25 -17.83 5.87
N PRO B 261 -20.02 -18.92 5.99
CA PRO B 261 -19.62 -19.98 6.92
C PRO B 261 -18.29 -20.64 6.57
N SER B 262 -17.91 -20.54 5.29
CA SER B 262 -16.63 -21.05 4.82
CA SER B 262 -16.61 -21.05 4.85
C SER B 262 -15.57 -19.93 4.82
N LEU B 263 -15.88 -18.85 5.51
CA LEU B 263 -15.02 -17.65 5.56
C LEU B 263 -14.72 -17.15 4.13
N LEU B 264 -13.53 -16.58 3.93
CA LEU B 264 -13.08 -16.11 2.61
C LEU B 264 -11.69 -16.69 2.39
N PRO B 265 -11.13 -16.57 1.17
CA PRO B 265 -9.80 -17.15 0.97
C PRO B 265 -8.79 -16.63 2.00
N LEU B 266 -8.04 -17.55 2.59
CA LEU B 266 -7.18 -17.23 3.73
C LEU B 266 -5.75 -17.05 3.32
N GLN B 267 -5.15 -15.95 3.78
CA GLN B 267 -3.72 -15.79 3.66
C GLN B 267 -3.14 -15.86 5.05
N SER B 268 -2.20 -16.76 5.22
CA SER B 268 -1.56 -16.90 6.50
C SER B 268 -0.09 -16.59 6.35
N GLY B 269 0.39 -15.66 7.16
CA GLY B 269 1.71 -15.13 6.97
C GLY B 269 2.82 -16.02 7.46
N VAL B 270 4.03 -15.47 7.40
CA VAL B 270 5.24 -16.05 7.93
C VAL B 270 5.19 -16.09 9.47
N GLY B 271 5.59 -17.22 10.06
CA GLY B 271 5.93 -17.23 11.47
C GLY B 271 5.17 -18.24 12.29
N ASN B 272 5.51 -18.30 13.58
CA ASN B 272 4.96 -19.29 14.51
C ASN B 272 3.52 -19.00 14.94
N VAL B 273 3.18 -17.72 15.06
CA VAL B 273 1.85 -17.36 15.51
C VAL B 273 0.84 -17.69 14.41
N ALA B 274 1.11 -17.19 13.20
CA ALA B 274 0.22 -17.44 12.06
C ALA B 274 0.06 -18.94 11.90
N ASN B 275 1.15 -19.67 12.08
CA ASN B 275 1.07 -21.12 11.97
C ASN B 275 0.16 -21.75 13.04
N ALA B 276 0.16 -21.22 14.26
CA ALA B 276 -0.69 -21.76 15.35
C ALA B 276 -2.20 -21.49 15.13
N VAL B 277 -2.51 -20.38 14.49
CA VAL B 277 -3.87 -20.09 14.07
C VAL B 277 -4.37 -21.20 13.14
N LEU B 278 -3.52 -21.63 12.23
CA LEU B 278 -3.90 -22.67 11.28
C LEU B 278 -4.16 -23.96 12.01
N GLU B 279 -3.35 -24.24 13.02
CA GLU B 279 -3.56 -25.44 13.81
C GLU B 279 -4.94 -25.36 14.47
N GLY B 280 -5.33 -24.17 14.93
CA GLY B 280 -6.66 -23.98 15.48
C GLY B 280 -7.76 -24.24 14.46
N LEU B 281 -7.55 -23.76 13.24
CA LEU B 281 -8.56 -23.90 12.18
C LEU B 281 -8.75 -25.33 11.72
N LYS B 282 -7.73 -26.17 11.88
CA LYS B 282 -7.82 -27.52 11.36
C LYS B 282 -8.89 -28.32 12.10
N GLU B 283 -9.25 -27.90 13.30
CA GLU B 283 -10.31 -28.57 14.06
C GLU B 283 -11.43 -27.59 14.38
N GLY B 284 -11.48 -26.51 13.61
CA GLY B 284 -12.44 -25.42 13.82
C GLY B 284 -13.79 -25.67 13.17
N PRO B 285 -14.73 -24.74 13.39
CA PRO B 285 -16.11 -24.89 12.92
C PRO B 285 -16.35 -24.35 11.52
N PHE B 286 -15.27 -24.02 10.80
CA PHE B 286 -15.41 -23.49 9.45
C PHE B 286 -14.97 -24.54 8.46
N GLU B 287 -15.93 -24.99 7.66
CA GLU B 287 -15.68 -26.06 6.70
C GLU B 287 -15.48 -25.51 5.29
N ASN B 288 -14.90 -26.32 4.42
CA ASN B 288 -14.71 -25.98 3.01
C ASN B 288 -13.89 -24.70 2.83
N LEU B 289 -12.88 -24.51 3.67
CA LEU B 289 -12.02 -23.34 3.54
C LEU B 289 -11.17 -23.40 2.28
N VAL B 290 -10.71 -22.24 1.85
CA VAL B 290 -9.81 -22.15 0.73
C VAL B 290 -8.64 -21.25 1.10
N GLY B 291 -7.43 -21.61 0.70
CA GLY B 291 -6.26 -20.76 0.95
C GLY B 291 -5.84 -20.02 -0.31
N TYR B 292 -5.56 -18.71 -0.18
CA TYR B 292 -4.93 -17.94 -1.25
C TYR B 292 -3.86 -17.14 -0.57
N SER B 293 -2.66 -17.69 -0.61
CA SER B 293 -1.63 -17.25 0.29
C SER B 293 -0.33 -17.05 -0.45
N GLU B 294 0.68 -16.66 0.28
CA GLU B 294 1.99 -16.53 -0.29
C GLU B 294 2.65 -17.88 -0.13
N VAL B 295 2.39 -18.48 1.03
CA VAL B 295 3.04 -19.74 1.37
CA VAL B 295 3.04 -19.72 1.37
C VAL B 295 2.08 -20.72 2.01
N ILE B 296 2.43 -22.00 1.92
CA ILE B 296 1.75 -23.07 2.63
C ILE B 296 2.68 -23.58 3.74
N GLN B 297 2.36 -23.16 4.97
CA GLN B 297 3.12 -23.58 6.15
C GLN B 297 2.58 -24.92 6.66
N ASP B 298 3.23 -25.49 7.66
CA ASP B 298 2.80 -26.76 8.24
C ASP B 298 1.32 -26.77 8.61
N GLY B 299 0.88 -25.68 9.21
CA GLY B 299 -0.50 -25.59 9.67
C GLY B 299 -1.50 -25.71 8.54
N MET B 300 -1.19 -25.08 7.41
CA MET B 300 -2.12 -25.14 6.29
C MET B 300 -2.14 -26.53 5.71
N LEU B 301 -0.98 -27.18 5.64
CA LEU B 301 -0.93 -28.56 5.17
C LEU B 301 -1.76 -29.43 6.10
N ALA B 302 -1.75 -29.10 7.39
CA ALA B 302 -2.59 -29.83 8.35
C ALA B 302 -4.07 -29.64 8.04
N MET B 303 -4.46 -28.41 7.69
CA MET B 303 -5.85 -28.12 7.37
CA MET B 303 -5.86 -28.14 7.39
C MET B 303 -6.30 -28.90 6.14
N LEU B 304 -5.40 -29.02 5.16
CA LEU B 304 -5.69 -29.80 3.96
C LEU B 304 -5.83 -31.27 4.32
N ASP B 305 -5.04 -31.71 5.29
CA ASP B 305 -5.09 -33.10 5.71
C ASP B 305 -6.43 -33.40 6.38
N SER B 306 -6.84 -32.53 7.31
CA SER B 306 -8.07 -32.76 8.08
C SER B 306 -9.33 -32.59 7.22
N GLY B 307 -9.18 -31.94 6.07
CA GLY B 307 -10.33 -31.71 5.20
C GLY B 307 -11.01 -30.37 5.42
N ARG B 308 -10.65 -29.65 6.48
CA ARG B 308 -11.26 -28.34 6.77
C ARG B 308 -11.01 -27.38 5.61
N MET B 309 -9.83 -27.49 4.98
CA MET B 309 -9.50 -26.70 3.79
C MET B 309 -9.53 -27.60 2.57
N ARG B 310 -10.15 -27.12 1.50
CA ARG B 310 -10.37 -27.92 0.29
C ARG B 310 -9.21 -27.81 -0.70
N ILE B 311 -8.66 -26.60 -0.82
CA ILE B 311 -7.58 -26.33 -1.76
C ILE B 311 -6.75 -25.14 -1.26
N ALA B 312 -5.45 -25.12 -1.57
CA ALA B 312 -4.62 -23.97 -1.19
C ALA B 312 -3.78 -23.50 -2.36
N SER B 313 -3.81 -22.18 -2.59
CA SER B 313 -2.99 -21.54 -3.60
C SER B 313 -1.87 -20.78 -2.89
N ALA B 314 -0.66 -20.83 -3.45
CA ALA B 314 0.49 -20.17 -2.88
C ALA B 314 1.59 -20.08 -3.92
N SER B 315 2.71 -19.44 -3.59
CA SER B 315 3.84 -19.51 -4.49
C SER B 315 4.87 -20.56 -4.06
N SER B 316 4.76 -21.05 -2.82
CA SER B 316 5.82 -21.88 -2.27
CA SER B 316 5.81 -21.92 -2.29
C SER B 316 5.35 -22.77 -1.12
N PHE B 317 6.11 -23.81 -0.84
CA PHE B 317 6.01 -24.53 0.43
C PHE B 317 6.94 -23.90 1.47
N SER B 318 6.46 -23.68 2.68
CA SER B 318 7.37 -23.40 3.80
C SER B 318 7.07 -24.42 4.85
N LEU B 319 7.60 -25.62 4.65
CA LEU B 319 7.36 -26.74 5.53
C LEU B 319 8.57 -26.98 6.41
N SER B 320 8.31 -27.42 7.62
CA SER B 320 9.34 -27.92 8.50
C SER B 320 9.96 -29.16 7.83
N PRO B 321 11.19 -29.52 8.24
CA PRO B 321 11.79 -30.77 7.78
C PRO B 321 10.85 -31.97 7.83
N GLU B 322 10.05 -32.06 8.88
CA GLU B 322 9.18 -33.22 9.05
C GLU B 322 7.92 -33.14 8.19
N ALA B 323 7.41 -31.93 7.99
CA ALA B 323 6.22 -31.76 7.14
C ALA B 323 6.61 -32.03 5.68
N ALA B 324 7.77 -31.51 5.29
CA ALA B 324 8.28 -31.69 3.93
C ALA B 324 8.39 -33.17 3.58
N GLU B 325 8.73 -33.99 4.57
CA GLU B 325 8.85 -35.43 4.32
C GLU B 325 7.49 -36.10 4.23
N GLU B 326 6.49 -35.56 4.93
CA GLU B 326 5.14 -36.12 4.84
C GLU B 326 4.50 -35.87 3.47
N ILE B 327 4.64 -34.67 2.94
CA ILE B 327 4.04 -34.36 1.66
C ILE B 327 4.66 -35.18 0.54
N ASN B 328 5.95 -35.50 0.65
CA ASN B 328 6.62 -36.29 -0.38
C ASN B 328 6.18 -37.74 -0.39
N ASN B 329 5.88 -38.28 0.78
CA ASN B 329 5.37 -39.63 0.87
C ASN B 329 3.94 -39.70 0.38
N ARG B 330 3.28 -38.55 0.32
CA ARG B 330 1.86 -38.48 0.01
C ARG B 330 1.53 -37.45 -1.07
N MET B 331 2.46 -37.23 -1.99
CA MET B 331 2.31 -36.18 -3.00
C MET B 331 1.08 -36.45 -3.87
N ASP B 332 0.65 -37.71 -3.92
CA ASP B 332 -0.53 -38.04 -4.70
C ASP B 332 -1.80 -37.46 -4.08
N PHE B 333 -1.89 -37.53 -2.75
CA PHE B 333 -3.01 -36.95 -2.01
C PHE B 333 -2.99 -35.43 -2.09
N PHE B 334 -1.81 -34.84 -2.01
CA PHE B 334 -1.69 -33.39 -1.86
C PHE B 334 -1.62 -32.61 -3.17
N ARG B 335 -1.14 -33.23 -4.25
CA ARG B 335 -0.95 -32.54 -5.52
C ARG B 335 -2.25 -31.98 -6.10
N SER B 336 -3.37 -32.64 -5.78
CA SER B 336 -4.66 -32.19 -6.29
C SER B 336 -5.27 -31.11 -5.42
N LYS B 337 -4.62 -30.80 -4.30
CA LYS B 337 -5.18 -29.85 -3.36
C LYS B 337 -4.34 -28.59 -3.31
N ILE B 338 -3.31 -28.53 -4.14
CA ILE B 338 -2.37 -27.40 -4.07
C ILE B 338 -2.08 -26.84 -5.46
N ILE B 339 -2.03 -25.52 -5.54
CA ILE B 339 -1.62 -24.81 -6.76
C ILE B 339 -0.48 -23.86 -6.43
N LEU B 340 0.67 -24.05 -7.07
CA LEU B 340 1.79 -23.15 -6.86
C LEU B 340 1.90 -22.19 -8.04
N ARG B 341 1.77 -20.89 -7.75
CA ARG B 341 1.71 -19.83 -8.76
C ARG B 341 2.95 -18.95 -8.72
N GLN B 342 3.21 -18.22 -9.80
CA GLN B 342 4.16 -17.11 -9.79
C GLN B 342 3.86 -16.13 -8.66
N GLN B 343 4.88 -15.60 -8.01
CA GLN B 343 4.61 -14.74 -6.86
C GLN B 343 3.99 -13.41 -7.25
N ASP B 344 4.12 -12.99 -8.52
CA ASP B 344 3.45 -11.75 -8.92
C ASP B 344 1.96 -11.99 -9.18
N VAL B 345 1.53 -13.25 -9.17
CA VAL B 345 0.12 -13.62 -9.20
C VAL B 345 -0.42 -13.93 -7.79
N SER B 346 0.31 -14.74 -7.02
CA SER B 346 -0.14 -15.00 -5.64
C SER B 346 -0.25 -13.72 -4.83
N ASN B 347 0.62 -12.75 -5.13
CA ASN B 347 0.68 -11.50 -4.35
C ASN B 347 0.18 -10.31 -5.15
N SER B 348 -0.67 -10.56 -6.13
CA SER B 348 -1.27 -9.50 -6.93
C SER B 348 -2.35 -8.76 -6.14
N PRO B 349 -2.17 -7.44 -5.92
CA PRO B 349 -3.20 -6.75 -5.14
C PRO B 349 -4.58 -6.75 -5.78
N GLY B 350 -4.63 -6.69 -7.11
CA GLY B 350 -5.90 -6.75 -7.80
C GLY B 350 -6.61 -8.08 -7.52
N ILE B 351 -5.87 -9.18 -7.58
CA ILE B 351 -6.50 -10.49 -7.33
C ILE B 351 -6.89 -10.65 -5.86
N ILE B 352 -6.00 -10.19 -4.95
CA ILE B 352 -6.26 -10.34 -3.52
C ILE B 352 -7.54 -9.61 -3.13
N ARG B 353 -7.72 -8.40 -3.65
CA ARG B 353 -8.95 -7.66 -3.39
C ARG B 353 -10.17 -8.27 -4.04
N ARG B 354 -10.01 -8.74 -5.28
CA ARG B 354 -11.11 -9.36 -6.00
C ARG B 354 -11.67 -10.57 -5.23
N LEU B 355 -10.75 -11.41 -4.76
CA LEU B 355 -11.14 -12.63 -4.03
C LEU B 355 -11.62 -12.34 -2.61
N GLY B 356 -11.29 -11.16 -2.10
CA GLY B 356 -11.71 -10.82 -0.75
C GLY B 356 -10.94 -11.55 0.33
N CYS B 357 -9.63 -11.65 0.19
CA CYS B 357 -8.82 -12.43 1.12
C CYS B 357 -8.87 -11.89 2.54
N ILE B 358 -8.79 -12.82 3.50
CA ILE B 358 -8.54 -12.46 4.89
C ILE B 358 -7.05 -12.60 5.14
N ALA B 359 -6.41 -11.49 5.52
CA ALA B 359 -4.96 -11.50 5.76
C ALA B 359 -4.66 -11.64 7.25
N MET B 360 -3.81 -12.60 7.58
CA MET B 360 -3.36 -12.81 8.97
C MET B 360 -1.85 -12.78 8.99
N ASN B 361 -1.28 -11.78 9.63
CA ASN B 361 0.16 -11.62 9.59
C ASN B 361 0.77 -11.37 10.94
N GLY B 362 2.04 -11.73 11.08
CA GLY B 362 2.75 -11.47 12.32
C GLY B 362 3.26 -10.05 12.34
N MET B 363 3.87 -9.65 13.45
CA MET B 363 4.44 -8.32 13.52
C MET B 363 5.51 -8.27 14.58
N ILE B 364 6.46 -7.36 14.43
CA ILE B 364 7.38 -7.03 15.52
C ILE B 364 6.61 -6.30 16.60
N GLU B 365 6.01 -5.15 16.25
CA GLU B 365 5.34 -4.30 17.23
C GLU B 365 4.31 -3.45 16.52
N ALA B 366 3.37 -2.93 17.31
CA ALA B 366 2.43 -1.92 16.85
C ALA B 366 2.46 -0.76 17.82
N ASP B 367 2.22 0.45 17.34
CA ASP B 367 2.06 1.50 18.34
C ASP B 367 0.61 1.61 18.78
N ILE B 368 0.35 2.52 19.72
CA ILE B 368 -0.96 2.57 20.32
C ILE B 368 -2.01 2.95 19.28
N TYR B 369 -1.62 3.59 18.18
CA TYR B 369 -2.57 3.94 17.13
C TYR B 369 -2.70 2.83 16.09
N GLY B 370 -1.97 1.73 16.26
CA GLY B 370 -2.16 0.61 15.33
C GLY B 370 -1.44 0.76 14.01
N ASN B 371 -0.33 1.51 14.00
CA ASN B 371 0.67 1.42 12.94
C ASN B 371 1.55 0.22 13.26
N VAL B 372 2.03 -0.51 12.26
CA VAL B 372 2.70 -1.79 12.47
C VAL B 372 4.10 -1.82 11.90
N ASN B 373 5.03 -2.32 12.71
CA ASN B 373 6.40 -2.63 12.31
C ASN B 373 6.53 -4.12 12.08
N SER B 374 6.91 -4.52 10.86
CA SER B 374 7.09 -5.95 10.52
C SER B 374 8.54 -6.33 10.41
N THR B 375 9.44 -5.36 10.56
CA THR B 375 10.78 -5.55 10.00
C THR B 375 11.99 -5.10 10.80
N ARG B 376 11.95 -3.90 11.38
CA ARG B 376 13.18 -3.25 11.81
C ARG B 376 13.17 -3.00 13.30
N VAL B 377 13.91 -3.84 14.00
CA VAL B 377 13.92 -3.77 15.46
C VAL B 377 14.70 -2.53 15.88
N MET B 378 14.14 -1.81 16.85
CA MET B 378 14.60 -0.47 17.28
C MET B 378 14.64 0.53 16.13
N GLY B 379 13.96 0.21 15.02
CA GLY B 379 13.93 1.10 13.87
C GLY B 379 15.06 0.92 12.87
N SER B 380 16.07 0.10 13.21
CA SER B 380 17.31 0.09 12.42
C SER B 380 17.90 -1.28 12.13
N LYS B 381 17.46 -2.30 12.84
CA LYS B 381 18.08 -3.62 12.72
C LYS B 381 17.10 -4.54 12.00
N MET B 382 17.46 -4.95 10.78
CA MET B 382 16.54 -5.77 10.02
C MET B 382 16.33 -7.14 10.64
N MET B 383 15.08 -7.58 10.68
CA MET B 383 14.76 -8.98 10.98
C MET B 383 14.71 -9.78 9.66
N ASN B 384 13.55 -9.89 9.03
CA ASN B 384 13.49 -10.60 7.74
C ASN B 384 13.20 -9.68 6.56
N GLY B 385 12.08 -8.99 6.58
CA GLY B 385 11.73 -8.06 5.51
C GLY B 385 10.21 -7.94 5.43
N ILE B 386 9.71 -7.00 4.64
CA ILE B 386 8.26 -6.81 4.63
C ILE B 386 7.56 -7.98 3.94
N GLY B 387 8.25 -8.64 3.01
CA GLY B 387 7.68 -9.77 2.31
C GLY B 387 6.41 -9.38 1.57
N GLY B 388 5.40 -10.23 1.64
CA GLY B 388 4.12 -9.94 1.02
C GLY B 388 3.10 -9.36 1.99
N SER B 389 3.56 -8.95 3.17
CA SER B 389 2.60 -8.49 4.19
C SER B 389 1.90 -7.21 3.76
N GLY B 390 2.58 -6.37 2.99
CA GLY B 390 1.94 -5.16 2.50
C GLY B 390 0.98 -5.45 1.35
N ASP B 391 1.40 -6.29 0.43
CA ASP B 391 0.55 -6.80 -0.67
C ASP B 391 -0.81 -7.22 -0.09
N PHE B 392 -0.75 -8.08 0.92
CA PHE B 392 -1.98 -8.61 1.49
C PHE B 392 -2.68 -7.67 2.47
N ALA B 393 -1.95 -7.01 3.35
CA ALA B 393 -2.61 -6.15 4.35
C ALA B 393 -3.44 -5.08 3.67
N ARG B 394 -2.87 -4.41 2.67
CA ARG B 394 -3.59 -3.31 2.07
C ARG B 394 -4.75 -3.78 1.18
N SER B 395 -4.60 -4.94 0.54
CA SER B 395 -5.58 -5.38 -0.47
C SER B 395 -6.69 -6.24 0.10
N SER B 396 -6.50 -6.75 1.31
CA SER B 396 -7.40 -7.72 1.94
CA SER B 396 -7.42 -7.75 1.81
C SER B 396 -8.76 -7.16 2.27
N TYR B 397 -9.74 -8.06 2.41
CA TYR B 397 -11.05 -7.71 2.95
C TYR B 397 -10.97 -7.39 4.43
N LEU B 398 -10.13 -8.15 5.14
CA LEU B 398 -9.85 -7.92 6.55
CA LEU B 398 -9.86 -7.90 6.54
C LEU B 398 -8.37 -8.10 6.77
N SER B 399 -7.74 -7.13 7.44
CA SER B 399 -6.30 -7.19 7.74
C SER B 399 -6.11 -7.35 9.23
N ILE B 400 -5.56 -8.50 9.58
CA ILE B 400 -5.36 -8.92 10.98
C ILE B 400 -3.88 -9.07 11.29
N PHE B 401 -3.44 -8.52 12.41
CA PHE B 401 -2.05 -8.68 12.87
C PHE B 401 -2.02 -9.40 14.20
N LEU B 402 -1.07 -10.32 14.33
CA LEU B 402 -1.03 -11.25 15.48
C LEU B 402 0.34 -11.28 16.10
N SER B 403 0.40 -11.20 17.43
CA SER B 403 1.71 -11.19 18.11
C SER B 403 1.57 -11.47 19.58
N PRO B 404 2.58 -12.13 20.18
CA PRO B 404 2.63 -12.07 21.65
C PRO B 404 2.72 -10.61 22.09
N SER B 405 2.14 -10.29 23.24
CA SER B 405 2.10 -8.90 23.69
C SER B 405 3.47 -8.42 24.15
N THR B 406 4.37 -9.35 24.40
CA THR B 406 5.73 -9.01 24.77
C THR B 406 6.71 -9.84 23.97
N ALA B 407 7.96 -9.41 24.00
CA ALA B 407 9.07 -10.15 23.38
C ALA B 407 10.23 -10.22 24.36
N LYS B 408 11.20 -11.07 24.03
CA LYS B 408 12.42 -11.21 24.81
C LYS B 408 12.10 -11.44 26.30
N GLY B 409 11.21 -12.39 26.56
CA GLY B 409 10.94 -12.78 27.94
C GLY B 409 10.36 -11.67 28.78
N GLY B 410 9.59 -10.79 28.15
CA GLY B 410 8.92 -9.72 28.85
C GLY B 410 9.67 -8.41 28.88
N LYS B 411 10.90 -8.40 28.36
CA LYS B 411 11.74 -7.22 28.40
C LYS B 411 11.41 -6.21 27.29
N ILE B 412 10.57 -6.61 26.33
CA ILE B 412 10.13 -5.71 25.28
C ILE B 412 8.60 -5.77 25.22
N SER B 413 7.93 -4.63 25.14
CA SER B 413 6.50 -4.58 24.87
C SER B 413 6.26 -4.56 23.37
N ALA B 414 5.37 -5.42 22.89
CA ALA B 414 5.05 -5.39 21.47
C ALA B 414 4.02 -4.31 21.14
N ILE B 415 3.46 -3.67 22.16
CA ILE B 415 2.65 -2.47 21.97
C ILE B 415 3.44 -1.29 22.57
N VAL B 416 3.72 -0.28 21.76
CA VAL B 416 4.62 0.82 22.16
C VAL B 416 3.97 2.18 21.89
N PRO B 417 4.52 3.26 22.46
CA PRO B 417 3.91 4.58 22.21
C PRO B 417 3.96 4.95 20.72
N MET B 418 5.10 4.69 20.09
CA MET B 418 5.34 4.95 18.68
C MET B 418 6.17 3.82 18.15
N ALA B 419 5.79 3.25 17.00
CA ALA B 419 6.60 2.21 16.35
C ALA B 419 7.91 2.84 15.92
N ALA B 420 9.02 2.12 16.09
CA ALA B 420 10.30 2.70 15.70
C ALA B 420 10.51 2.72 14.17
N HIS B 421 9.73 1.90 13.48
CA HIS B 421 9.68 1.88 12.03
C HIS B 421 8.26 1.48 11.66
N VAL B 422 7.71 2.05 10.58
CA VAL B 422 6.39 1.66 10.12
C VAL B 422 6.45 0.91 8.77
N ASP B 423 5.87 -0.29 8.76
CA ASP B 423 5.60 -0.97 7.51
C ASP B 423 4.15 -0.89 7.09
N HIS B 424 3.23 -0.97 8.05
CA HIS B 424 1.79 -0.94 7.71
C HIS B 424 1.14 0.19 8.48
N ILE B 425 0.61 1.15 7.74
CA ILE B 425 -0.07 2.30 8.33
C ILE B 425 -1.43 1.92 8.91
N MET B 426 -2.01 2.81 9.72
CA MET B 426 -3.30 2.54 10.39
C MET B 426 -4.37 2.03 9.44
N GLN B 427 -4.40 2.64 8.26
CA GLN B 427 -5.39 2.33 7.26
C GLN B 427 -5.30 0.88 6.78
N ASP B 428 -4.17 0.22 7.04
CA ASP B 428 -3.91 -1.12 6.54
C ASP B 428 -4.02 -2.19 7.63
N ALA B 429 -4.54 -1.82 8.82
CA ALA B 429 -4.61 -2.77 9.93
C ALA B 429 -5.94 -2.59 10.69
N GLN B 430 -6.81 -3.60 10.67
CA GLN B 430 -8.11 -3.45 11.31
C GLN B 430 -8.26 -4.21 12.59
N ILE B 431 -7.56 -5.34 12.71
CA ILE B 431 -7.77 -6.22 13.85
C ILE B 431 -6.38 -6.57 14.42
N PHE B 432 -6.20 -6.42 15.73
CA PHE B 432 -4.98 -6.87 16.42
C PHE B 432 -5.30 -7.95 17.42
N VAL B 433 -4.46 -8.98 17.48
CA VAL B 433 -4.66 -10.05 18.45
C VAL B 433 -3.37 -10.34 19.18
N THR B 434 -3.42 -10.32 20.52
CA THR B 434 -2.34 -10.86 21.34
C THR B 434 -2.92 -11.88 22.30
N GLU B 435 -2.10 -12.44 23.21
CA GLU B 435 -2.62 -13.42 24.16
C GLU B 435 -3.46 -12.71 25.23
N GLN B 436 -3.46 -11.38 25.21
CA GLN B 436 -4.28 -10.60 26.15
C GLN B 436 -5.69 -10.34 25.65
N GLY B 437 -5.89 -10.46 24.34
CA GLY B 437 -7.20 -10.15 23.78
C GLY B 437 -7.10 -9.62 22.37
N LEU B 438 -8.26 -9.24 21.85
CA LEU B 438 -8.44 -8.88 20.45
C LEU B 438 -9.03 -7.50 20.37
N ALA B 439 -8.39 -6.63 19.57
CA ALA B 439 -8.85 -5.26 19.35
C ALA B 439 -9.43 -5.15 17.95
N ASP B 440 -10.73 -4.87 17.87
CA ASP B 440 -11.42 -4.64 16.61
C ASP B 440 -11.51 -3.13 16.38
N LEU B 441 -10.74 -2.63 15.42
CA LEU B 441 -10.59 -1.19 15.23
C LEU B 441 -11.51 -0.60 14.16
N ARG B 442 -12.39 -1.41 13.59
CA ARG B 442 -13.19 -0.92 12.46
C ARG B 442 -14.07 0.27 12.88
N GLY B 443 -14.04 1.33 12.07
CA GLY B 443 -14.87 2.51 12.30
C GLY B 443 -14.28 3.55 13.24
N LEU B 444 -13.09 3.27 13.77
CA LEU B 444 -12.53 4.08 14.85
C LEU B 444 -11.51 5.12 14.40
N SER B 445 -11.52 6.30 15.04
CA SER B 445 -10.47 7.31 14.85
C SER B 445 -9.20 6.86 15.59
N PRO B 446 -8.07 7.56 15.38
CA PRO B 446 -6.85 7.10 16.08
C PRO B 446 -6.94 7.12 17.60
N VAL B 447 -7.54 8.12 18.23
CA VAL B 447 -7.63 8.05 19.70
C VAL B 447 -8.53 6.90 20.15
N GLN B 448 -9.52 6.54 19.34
CA GLN B 448 -10.40 5.43 19.68
C GLN B 448 -9.66 4.11 19.46
N ARG B 449 -8.79 4.08 18.45
CA ARG B 449 -7.98 2.89 18.21
C ARG B 449 -7.08 2.66 19.42
N ALA B 450 -6.49 3.74 19.94
CA ALA B 450 -5.57 3.64 21.07
C ALA B 450 -6.26 3.07 22.31
N ARG B 451 -7.46 3.56 22.60
CA ARG B 451 -8.19 2.99 23.73
C ARG B 451 -8.35 1.48 23.62
N GLU B 452 -8.66 0.99 22.42
CA GLU B 452 -8.91 -0.42 22.23
C GLU B 452 -7.63 -1.25 22.27
N ILE B 453 -6.60 -0.75 21.60
CA ILE B 453 -5.34 -1.48 21.57
C ILE B 453 -4.73 -1.58 22.97
N ILE B 454 -4.73 -0.46 23.71
CA ILE B 454 -4.15 -0.48 25.06
C ILE B 454 -4.94 -1.41 25.96
N SER B 455 -6.26 -1.29 25.95
CA SER B 455 -7.03 -2.09 26.89
C SER B 455 -7.14 -3.57 26.52
N LYS B 456 -7.13 -3.89 25.24
CA LYS B 456 -7.35 -5.28 24.82
C LYS B 456 -6.08 -6.07 24.58
N CYS B 457 -5.05 -5.41 24.09
CA CYS B 457 -3.89 -6.14 23.58
C CYS B 457 -2.62 -6.01 24.42
N ALA B 458 -2.45 -4.88 25.12
CA ALA B 458 -1.19 -4.67 25.84
C ALA B 458 -1.04 -5.61 27.04
N HIS B 459 0.20 -5.99 27.33
CA HIS B 459 0.48 -6.79 28.52
C HIS B 459 0.22 -5.97 29.79
N PRO B 460 -0.30 -6.61 30.85
CA PRO B 460 -0.51 -5.89 32.11
C PRO B 460 0.73 -5.15 32.65
N ASP B 461 1.93 -5.65 32.35
CA ASP B 461 3.15 -4.97 32.82
C ASP B 461 3.34 -3.62 32.17
N TYR B 462 2.81 -3.46 30.97
CA TYR B 462 3.05 -2.28 30.16
C TYR B 462 1.82 -1.39 29.96
N ARG B 463 0.64 -1.96 30.19
CA ARG B 463 -0.60 -1.21 29.92
C ARG B 463 -0.69 0.12 30.70
N PRO B 464 -0.37 0.12 32.00
CA PRO B 464 -0.40 1.42 32.69
C PRO B 464 0.57 2.46 32.13
N MET B 465 1.77 2.03 31.72
CA MET B 465 2.72 2.95 31.10
C MET B 465 2.20 3.50 29.77
N LEU B 466 1.55 2.64 28.98
CA LEU B 466 0.98 3.08 27.71
C LEU B 466 -0.16 4.06 27.97
N GLN B 467 -1.01 3.75 28.95
CA GLN B 467 -2.12 4.64 29.26
C GLN B 467 -1.61 5.99 29.75
N ASP B 468 -0.54 5.97 30.54
CA ASP B 468 0.08 7.20 31.05
C ASP B 468 0.61 8.05 29.88
N TYR B 469 1.27 7.41 28.93
CA TYR B 469 1.76 8.11 27.76
C TYR B 469 0.61 8.75 26.99
N PHE B 470 -0.42 7.96 26.73
CA PHE B 470 -1.53 8.43 25.94
C PHE B 470 -2.27 9.57 26.65
N ASP B 471 -2.48 9.43 27.95
CA ASP B 471 -3.24 10.46 28.65
C ASP B 471 -2.47 11.78 28.69
N ARG B 472 -1.17 11.72 28.90
CA ARG B 472 -0.38 12.95 28.92
C ARG B 472 -0.22 13.53 27.51
N ALA B 473 -0.18 12.67 26.50
CA ALA B 473 -0.14 13.14 25.11
C ALA B 473 -1.43 13.88 24.78
N LEU B 474 -2.57 13.37 25.24
CA LEU B 474 -3.85 14.01 24.98
CA LEU B 474 -3.84 14.02 24.94
C LEU B 474 -3.88 15.42 25.58
N LYS B 475 -3.15 15.60 26.67
CA LYS B 475 -3.11 16.90 27.33
C LYS B 475 -2.12 17.86 26.67
N ASN B 476 -0.99 17.35 26.20
CA ASN B 476 0.15 18.21 25.89
C ASN B 476 0.66 18.16 24.45
N SER B 477 0.08 17.29 23.63
CA SER B 477 0.52 17.14 22.24
C SER B 477 0.29 18.37 21.37
N PHE B 478 1.14 18.55 20.35
CA PHE B 478 0.99 19.65 19.38
C PHE B 478 -0.41 19.68 18.73
N GLY B 479 -0.86 18.54 18.19
CA GLY B 479 -2.24 18.37 17.77
C GLY B 479 -2.91 17.24 18.54
N LYS B 480 -4.24 17.17 18.54
CA LYS B 480 -4.93 16.14 19.30
CA LYS B 480 -4.94 16.13 19.31
C LYS B 480 -5.54 15.04 18.42
N HIS B 481 -5.28 15.10 17.11
CA HIS B 481 -5.80 14.03 16.23
C HIS B 481 -5.07 12.71 16.43
N THR B 482 -3.74 12.77 16.52
CA THR B 482 -2.94 11.60 16.83
CA THR B 482 -2.93 11.58 16.86
C THR B 482 -1.93 12.01 17.90
N PRO B 483 -2.38 12.14 19.16
CA PRO B 483 -1.55 12.75 20.20
C PRO B 483 -0.24 12.04 20.45
N HIS B 484 0.84 12.82 20.48
CA HIS B 484 2.15 12.28 20.82
C HIS B 484 2.94 13.23 21.72
N LEU B 485 3.87 12.65 22.47
CA LEU B 485 4.88 13.44 23.20
C LEU B 485 6.21 13.10 22.57
N LEU B 486 6.72 13.99 21.72
CA LEU B 486 7.88 13.62 20.89
C LEU B 486 9.13 13.43 21.74
N THR B 487 9.14 14.01 22.95
CA THR B 487 10.29 13.81 23.82
C THR B 487 10.35 12.38 24.36
N GLU B 488 9.24 11.66 24.38
CA GLU B 488 9.32 10.31 24.88
C GLU B 488 8.75 9.25 23.97
N ALA B 489 8.33 9.63 22.75
CA ALA B 489 7.70 8.65 21.84
C ALA B 489 8.59 7.42 21.58
N LEU B 490 9.90 7.64 21.41
CA LEU B 490 10.83 6.55 21.12
C LEU B 490 11.65 6.16 22.35
N SER B 491 11.28 6.69 23.51
CA SER B 491 12.10 6.48 24.71
C SER B 491 12.08 5.03 25.24
N TRP B 492 11.05 4.24 24.91
CA TRP B 492 11.03 2.86 25.43
C TRP B 492 12.06 2.06 24.66
N HIS B 493 12.15 2.33 23.37
CA HIS B 493 13.18 1.70 22.55
C HIS B 493 14.57 2.09 23.02
N GLN B 494 14.78 3.39 23.28
CA GLN B 494 16.08 3.78 23.79
C GLN B 494 16.37 3.15 25.15
N ARG B 495 15.33 3.00 25.97
CA ARG B 495 15.52 2.37 27.28
C ARG B 495 15.99 0.93 27.09
N PHE B 496 15.42 0.23 26.11
CA PHE B 496 15.89 -1.12 25.83
C PHE B 496 17.35 -1.13 25.38
N ILE B 497 17.71 -0.24 24.44
CA ILE B 497 19.10 -0.12 24.01
C ILE B 497 20.05 0.17 25.19
N ASP B 498 19.62 1.03 26.10
CA ASP B 498 20.46 1.49 27.23
C ASP B 498 20.56 0.49 28.38
N THR B 499 19.51 -0.29 28.62
CA THR B 499 19.40 -1.08 29.85
C THR B 499 19.04 -2.54 29.64
N GLY B 500 18.64 -2.87 28.43
CA GLY B 500 18.21 -4.21 28.07
C GLY B 500 16.75 -4.52 28.39
N THR B 501 16.00 -3.54 28.87
CA THR B 501 14.57 -3.77 29.10
C THR B 501 13.78 -2.48 28.91
N MET B 502 12.52 -2.61 28.47
CA MET B 502 11.65 -1.44 28.38
C MET B 502 11.00 -1.12 29.71
N LEU B 503 11.16 -1.99 30.69
CA LEU B 503 10.62 -1.69 32.01
C LEU B 503 11.54 -0.75 32.80
N PRO B 504 10.97 0.33 33.35
CA PRO B 504 11.78 1.23 34.19
C PRO B 504 12.30 0.50 35.41
N SER B 505 13.41 0.98 35.95
CA SER B 505 14.03 0.38 37.14
C SER B 505 13.11 0.41 38.36
C ACT C . -9.19 19.44 -2.33
O ACT C . -10.00 20.04 -1.65
OXT ACT C . -9.17 18.22 -2.32
CH3 ACT C . -8.23 20.19 -3.17
N1A 0T1 D . 5.80 20.97 7.97
C2A 0T1 D . 4.72 21.70 8.25
N3A 0T1 D . 3.78 22.14 7.42
C4A 0T1 D . 4.01 21.77 6.14
C5M 0T1 D . 5.08 21.02 5.69
C6A 0T1 D . 6.02 20.62 6.67
N6A 0T1 D . 7.10 19.90 6.33
N7A 0T1 D . 4.99 20.85 4.33
C8A 0T1 D . 3.86 21.48 3.98
N9A 0T1 D . 3.25 22.05 5.05
C1B 0T1 D . 2.00 22.84 5.02
C2B 0T1 D . 2.17 24.19 4.32
O2B 0T1 D . 2.67 25.14 5.27
C3B 0T1 D . 0.72 24.44 3.93
O3B 0T1 D . 0.02 24.83 5.09
P3B 0T1 D . -0.86 26.16 5.14
O7A 0T1 D . -1.32 26.31 6.58
O8A 0T1 D . 0.01 27.34 4.67
O9A 0T1 D . -2.05 25.98 4.19
C4B 0T1 D . 0.23 23.05 3.51
O4B 0T1 D . 1.05 22.12 4.27
C5B 0T1 D . 0.35 22.73 2.05
O5B 0T1 D . 1.69 23.00 1.54
P1A 0T1 D . 2.25 23.30 0.18
O1A 0T1 D . 3.71 23.60 0.28
O2A 0T1 D . 1.36 24.39 -0.48
O3A 0T1 D . 2.05 21.95 -0.64
P2A 0T1 D . 0.92 21.10 -1.37
O4A 0T1 D . -0.11 22.03 -1.92
O5A 0T1 D . 1.82 20.25 -2.30
O6A 0T1 D . 0.31 20.27 -0.14
CBP 0T1 D . 0.11 18.24 1.08
CCP 0T1 D . 1.06 19.20 0.40
CDP 0T1 D . 0.91 17.05 1.62
CEP 0T1 D . -0.58 18.97 2.25
CAP 0T1 D . -0.95 17.73 0.07
OAP 0T1 D . -0.28 17.17 -1.06
C9P 0T1 D . -1.87 16.67 0.66
O9P 0T1 D . -2.76 16.98 1.47
N8P 0T1 D . -1.66 15.43 0.25
C7P 0T1 D . -2.45 14.31 0.73
C6P 0T1 D . -3.57 13.97 -0.29
C5P 0T1 D . -2.99 13.57 -1.63
O5P 0T1 D . -1.77 13.53 -1.82
N4P 0T1 D . -3.88 13.26 -2.57
C3P 0T1 D . -3.51 12.84 -3.92
C2P 0T1 D . -4.37 11.70 -4.34
C1P 0T1 D . -3.94 11.06 -5.66
N1 IMD E . 14.04 13.39 21.20
C2 IMD E . 12.95 13.72 20.55
N3 IMD E . 12.58 14.93 20.90
C4 IMD E . 13.47 15.40 21.82
C5 IMD E . 14.38 14.43 22.00
N1 IMD F . 7.54 7.74 12.30
C2 IMD F . 6.76 7.10 13.14
N3 IMD F . 7.31 5.94 13.44
C4 IMD F . 8.48 5.84 12.76
C5 IMD F . 8.62 6.96 12.04
C ACT G . -5.54 -7.69 -12.83
O ACT G . -5.04 -6.70 -13.34
OXT ACT G . -6.46 -8.27 -13.39
CH3 ACT G . -5.04 -8.18 -11.53
C ACT H . -12.63 2.20 8.96
O ACT H . -12.90 1.20 9.60
OXT ACT H . -12.05 2.08 7.89
CH3 ACT H . -12.99 3.55 9.46
C ACT I . -9.94 -5.77 -11.01
O ACT I . -10.26 -6.52 -10.11
OXT ACT I . -10.02 -6.14 -12.17
CH3 ACT I . -9.47 -4.39 -10.71
C ACT J . 13.86 -0.94 -6.10
O ACT J . 14.13 0.00 -6.85
OXT ACT J . 12.70 -1.25 -5.90
CH3 ACT J . 14.96 -1.68 -5.43
C ACT K . 11.34 -18.38 5.67
O ACT K . 12.47 -18.48 5.24
OXT ACT K . 10.90 -19.22 6.45
CH3 ACT K . 10.48 -17.26 5.24
N1A 0T1 L . 11.07 -6.74 19.46
C2A 0T1 L . 12.15 -7.48 19.18
N3A 0T1 L . 12.21 -8.69 18.62
C4A 0T1 L . 10.97 -9.15 18.36
C5M 0T1 L . 9.79 -8.50 18.61
C6A 0T1 L . 9.87 -7.23 19.20
N6A 0T1 L . 8.76 -6.52 19.47
N7A 0T1 L . 8.72 -9.30 18.20
C8A 0T1 L . 9.31 -10.41 17.69
N9A 0T1 L . 10.66 -10.35 17.78
C1B 0T1 L . 11.59 -11.41 17.38
C2B 0T1 L . 11.58 -12.59 18.34
O2B 0T1 L . 12.40 -12.33 19.49
C3B 0T1 L . 12.11 -13.68 17.42
O3B 0T1 L . 13.50 -13.48 17.21
P3B 0T1 L . 14.59 -14.43 17.91
O7A 0T1 L . 15.93 -14.07 17.32
O8A 0T1 L . 14.54 -14.11 19.43
O9A 0T1 L . 14.18 -15.89 17.69
C4B 0T1 L . 11.39 -13.36 16.10
O4B 0T1 L . 11.14 -11.93 16.14
C5B 0T1 L . 10.07 -14.11 15.85
O5B 0T1 L . 9.18 -13.96 16.97
P1A 0T1 L . 7.86 -14.63 17.18
O1A 0T1 L . 7.14 -14.06 18.37
O2A 0T1 L . 8.07 -16.17 17.19
O3A 0T1 L . 7.07 -14.27 15.85
P2A 0T1 L . 6.65 -14.89 14.45
O4A 0T1 L . 7.37 -16.20 14.22
O5A 0T1 L . 5.10 -14.76 14.42
O6A 0T1 L . 7.37 -13.85 13.50
CBP 0T1 L . 7.75 -11.68 12.32
CCP 0T1 L . 7.06 -12.39 13.48
CDP 0T1 L . 7.30 -10.22 12.28
CEP 0T1 L . 9.28 -11.75 12.54
CAP 0T1 L . 7.38 -12.38 10.99
OAP 0T1 L . 5.98 -12.50 10.89
C9P 0T1 L . 7.92 -11.63 9.76
O9P 0T1 L . 9.11 -11.66 9.50
N8P 0T1 L . 7.04 -10.97 9.05
C7P 0T1 L . 7.43 -10.21 7.85
C6P 0T1 L . 7.15 -11.05 6.59
C5P 0T1 L . 5.68 -11.34 6.43
O5P 0T1 L . 4.84 -10.93 7.25
N4P 0T1 L . 5.33 -12.06 5.38
C3P 0T1 L . 3.95 -12.42 5.09
C2P 0T1 L . 3.71 -12.44 3.60
C1P 0T1 L . 2.22 -12.38 3.27
N1 IMD M . 14.08 8.85 22.64
C2 IMD M . 13.36 9.82 23.15
N3 IMD M . 13.80 10.10 24.35
C4 IMD M . 14.85 9.28 24.63
C5 IMD M . 15.02 8.50 23.54
#